data_9HDD
#
_entry.id   9HDD
#
_cell.length_a   1.00
_cell.length_b   1.00
_cell.length_c   1.00
_cell.angle_alpha   90.00
_cell.angle_beta   90.00
_cell.angle_gamma   90.00
#
_symmetry.space_group_name_H-M   'P 1'
#
_entity_poly.entity_id   1
_entity_poly.type   'polypeptide(L)'
_entity_poly.pdbx_seq_one_letter_code
;ATAQMQPDFWANQQAQFANEQNRLEQERVQQLQQQQAQQELFQQQLQKAQQDMMNMQLQQQNQHQNDLIALTNQYEKDQA
LLQQYDQRVQQLESEITTMDSTASKQLANKDEQLTALQDQLDVWERKYESLAKLYSQLRQEHLNLLPRFKKLQLKVNSAQ
ESIQKKEQLEHKLKQKDLQMAELVKDRDRARLELERSINNAEADSAAATAAAETMTQDKMNPILDAILESGINTIQESVY
NLDSPLSWSGPLTPPTFLLSLLESTSENATEFATSFNNLIVDGLAHGDQTEVIHCVSDFSTSMATLVTNSKAYAVTTLPQ
EQSDQILTLVKRCAREAQYFFEDLMSENLNQVGDEEKTDIVINANVDMQEKLQELSLAIEPLLNIQSVKSNKETNPHSEL
VATADKIVKSSEHLRVDVPKPLLSLALMIIDAVVALVKAAIQCQNEIATTTSIPLNQFYLKNSRWTEGLISAAKAVAGAT
NVLITTASKLITSEDNENTSPEQFIVASKEVAASTIQLVAASRVKTSIHSKAQDKLEHCSKDVTDACRSLGNHVMGMIED
DHSTSQQQQPLDFTSEHTLKTAEMEQQVEILKLEQSLSNARKRLGEIRRHAYYNQDDD
;
_entity_poly.pdbx_strand_id   A,B
#
# COMPACT_ATOMS: atom_id res chain seq x y z
N ALA A 210 3.86 -14.41 43.70
CA ALA A 210 3.04 -13.70 44.73
C ALA A 210 1.61 -13.45 44.22
N ALA A 211 0.71 -13.05 45.14
CA ALA A 211 -0.72 -12.98 44.89
C ALA A 211 -1.11 -11.85 43.91
N ALA A 212 -0.85 -10.57 44.26
CA ALA A 212 -1.24 -9.42 43.45
C ALA A 212 -0.53 -9.41 42.08
N GLU A 213 0.73 -9.87 42.06
CA GLU A 213 1.52 -10.13 40.85
C GLU A 213 0.83 -11.13 39.93
N THR A 214 0.09 -12.11 40.48
CA THR A 214 -0.69 -13.06 39.69
C THR A 214 -2.05 -12.47 39.31
N MET A 215 -2.79 -11.86 40.27
CA MET A 215 -4.17 -11.42 40.08
C MET A 215 -4.30 -10.26 39.09
N THR A 216 -3.40 -9.27 39.17
CA THR A 216 -3.40 -8.13 38.24
C THR A 216 -2.88 -8.56 36.86
N GLN A 217 -1.94 -9.50 36.80
CA GLN A 217 -1.49 -10.15 35.58
C GLN A 217 -2.64 -10.92 34.91
N ASP A 218 -3.41 -11.72 35.64
CA ASP A 218 -4.54 -12.46 35.09
C ASP A 218 -5.60 -11.56 34.43
N LYS A 219 -5.85 -10.35 34.98
CA LYS A 219 -6.79 -9.40 34.40
C LYS A 219 -6.26 -8.79 33.10
N MET A 220 -4.93 -8.59 33.04
CA MET A 220 -4.26 -7.96 31.92
C MET A 220 -3.73 -8.95 30.87
N ASN A 221 -3.71 -10.26 31.14
CA ASN A 221 -3.37 -11.28 30.15
C ASN A 221 -4.35 -11.30 28.96
N PRO A 222 -5.70 -11.33 29.14
CA PRO A 222 -6.65 -11.19 28.03
C PRO A 222 -6.43 -9.97 27.13
N ILE A 223 -6.23 -8.78 27.72
CA ILE A 223 -5.90 -7.59 26.95
C ILE A 223 -4.54 -7.75 26.27
N LEU A 224 -3.52 -8.32 26.91
CA LEU A 224 -2.25 -8.54 26.22
C LEU A 224 -2.43 -9.51 25.04
N ASP A 225 -3.22 -10.57 25.21
CA ASP A 225 -3.61 -11.45 24.11
C ASP A 225 -4.29 -10.65 23.01
N ALA A 226 -5.23 -9.75 23.34
CA ALA A 226 -5.90 -8.95 22.36
C ALA A 226 -4.96 -7.97 21.64
N ILE A 227 -4.01 -7.36 22.35
CA ILE A 227 -3.03 -6.43 21.77
C ILE A 227 -2.11 -7.19 20.83
N LEU A 228 -1.66 -8.38 21.25
CA LEU A 228 -0.81 -9.24 20.44
C LEU A 228 -1.54 -9.70 19.19
N GLU A 229 -2.79 -10.14 19.32
CA GLU A 229 -3.62 -10.58 18.21
C GLU A 229 -3.95 -9.41 17.28
N SER A 230 -4.14 -8.21 17.83
CA SER A 230 -4.17 -6.95 17.08
C SER A 230 -2.84 -6.69 16.35
N GLY A 231 -1.71 -7.05 16.95
CA GLY A 231 -0.40 -7.12 16.30
C GLY A 231 -0.40 -8.09 15.12
N ILE A 232 -0.78 -9.36 15.33
CA ILE A 232 -0.89 -10.35 14.25
C ILE A 232 -1.76 -9.79 13.13
N ASN A 233 -2.92 -9.23 13.46
CA ASN A 233 -3.87 -8.63 12.52
C ASN A 233 -3.24 -7.43 11.78
N THR A 234 -2.54 -6.54 12.48
CA THR A 234 -1.78 -5.43 11.87
C THR A 234 -0.84 -5.94 10.80
N ILE A 235 -0.15 -7.07 11.04
CA ILE A 235 0.67 -7.72 10.00
C ILE A 235 -0.21 -8.40 8.96
N GLN A 236 -1.21 -9.19 9.37
CA GLN A 236 -2.02 -10.05 8.52
C GLN A 236 -2.79 -9.23 7.50
N GLU A 237 -3.25 -8.05 7.87
CA GLU A 237 -3.90 -7.14 6.94
C GLU A 237 -2.95 -6.69 5.81
N SER A 238 -1.65 -6.58 6.10
CA SER A 238 -0.64 -6.35 5.06
C SER A 238 -0.38 -7.59 4.21
N VAL A 239 -0.55 -8.81 4.72
CA VAL A 239 -0.39 -10.04 3.92
C VAL A 239 -1.60 -10.29 3.05
N TYR A 240 -2.82 -10.08 3.56
CA TYR A 240 -4.00 -10.00 2.72
C TYR A 240 -3.74 -8.99 1.59
N ASN A 241 -3.27 -7.79 1.96
CA ASN A 241 -2.94 -6.77 0.99
C ASN A 241 -1.90 -7.30 -0.01
N LEU A 242 -0.85 -8.03 0.44
CA LEU A 242 0.16 -8.57 -0.45
C LEU A 242 -0.45 -9.48 -1.51
N ASP A 243 -1.12 -10.55 -1.07
CA ASP A 243 -1.58 -11.59 -2.00
C ASP A 243 -2.79 -11.15 -2.82
N SER A 244 -3.41 -10.03 -2.45
CA SER A 244 -4.27 -9.26 -3.35
C SER A 244 -3.42 -8.47 -4.38
N PRO A 245 -3.41 -8.84 -5.67
CA PRO A 245 -2.75 -8.06 -6.72
C PRO A 245 -3.54 -6.80 -7.09
N LEU A 246 -4.59 -6.47 -6.32
CA LEU A 246 -5.14 -5.11 -6.29
C LEU A 246 -4.05 -4.15 -5.85
N SER A 247 -3.22 -4.50 -4.86
CA SER A 247 -1.96 -3.79 -4.66
C SER A 247 -1.04 -4.02 -5.89
N TRP A 248 -0.49 -2.93 -6.44
CA TRP A 248 0.21 -2.95 -7.73
C TRP A 248 1.31 -1.88 -7.77
N SER A 249 2.34 -2.10 -8.63
CA SER A 249 3.42 -1.18 -9.00
C SER A 249 3.87 -0.23 -7.87
N GLY A 250 4.13 -0.79 -6.68
CA GLY A 250 4.46 -0.01 -5.50
C GLY A 250 5.85 0.64 -5.52
N PRO A 251 6.31 1.12 -4.34
CA PRO A 251 7.59 1.83 -4.18
C PRO A 251 8.82 1.39 -4.96
N LEU A 252 9.45 2.35 -5.63
CA LEU A 252 10.84 2.23 -6.11
C LEU A 252 11.81 2.40 -4.93
N THR A 253 11.60 1.62 -3.87
CA THR A 253 12.37 1.69 -2.63
C THR A 253 13.78 1.15 -2.89
N PRO A 254 14.86 1.83 -2.47
CA PRO A 254 16.24 1.39 -2.70
C PRO A 254 16.75 0.40 -1.62
N PRO A 255 17.77 -0.44 -1.91
CA PRO A 255 18.19 -1.50 -0.98
C PRO A 255 18.85 -0.91 0.24
N THR A 256 19.53 0.25 0.08
CA THR A 256 20.25 0.95 1.15
C THR A 256 19.29 1.30 2.30
N PHE A 257 18.09 1.78 1.93
CA PHE A 257 17.03 2.10 2.88
C PHE A 257 16.49 0.80 3.44
N LEU A 258 16.23 -0.18 2.59
CA LEU A 258 15.61 -1.46 2.97
C LEU A 258 16.46 -2.28 3.94
N LEU A 259 17.79 -2.14 3.90
CA LEU A 259 18.69 -2.67 4.92
C LEU A 259 18.54 -1.94 6.26
N SER A 260 18.29 -0.63 6.28
CA SER A 260 17.96 0.06 7.55
C SER A 260 16.59 -0.35 8.09
N LEU A 261 15.65 -0.75 7.24
CA LEU A 261 14.43 -1.42 7.70
C LEU A 261 14.73 -2.81 8.27
N LEU A 262 15.57 -3.63 7.63
CA LEU A 262 15.97 -4.95 8.16
C LEU A 262 16.66 -4.83 9.52
N GLU A 263 17.52 -3.83 9.66
CA GLU A 263 18.26 -3.47 10.89
C GLU A 263 17.35 -2.91 12.00
N SER A 264 16.57 -1.87 11.71
CA SER A 264 15.58 -1.35 12.65
C SER A 264 14.49 -2.38 12.97
N THR A 265 14.15 -3.31 12.07
CA THR A 265 13.32 -4.46 12.41
C THR A 265 14.02 -5.30 13.46
N SER A 266 15.29 -5.65 13.25
CA SER A 266 16.08 -6.46 14.18
C SER A 266 16.22 -5.79 15.54
N GLU A 267 16.49 -4.49 15.56
CA GLU A 267 16.53 -3.71 16.78
C GLU A 267 15.16 -3.68 17.45
N ASN A 268 14.07 -3.36 16.75
CA ASN A 268 12.74 -3.38 17.33
C ASN A 268 12.31 -4.79 17.81
N ALA A 269 12.71 -5.85 17.10
CA ALA A 269 12.49 -7.24 17.49
C ALA A 269 13.25 -7.58 18.76
N THR A 270 14.49 -7.09 18.87
CA THR A 270 15.34 -7.15 20.07
C THR A 270 14.81 -6.26 21.20
N GLU A 271 14.23 -5.10 20.92
CA GLU A 271 13.54 -4.25 21.89
C GLU A 271 12.24 -4.92 22.36
N PHE A 272 11.51 -5.58 21.46
CA PHE A 272 10.34 -6.38 21.81
C PHE A 272 10.74 -7.58 22.67
N ALA A 273 11.82 -8.28 22.32
CA ALA A 273 12.43 -9.29 23.17
C ALA A 273 12.89 -8.74 24.51
N THR A 274 13.56 -7.58 24.54
CA THR A 274 14.11 -6.95 25.75
C THR A 274 12.99 -6.57 26.71
N SER A 275 12.03 -5.81 26.21
CA SER A 275 10.88 -5.36 26.97
C SER A 275 9.98 -6.53 27.35
N PHE A 276 9.90 -7.59 26.54
CA PHE A 276 9.28 -8.84 26.97
C PHE A 276 10.06 -9.50 28.11
N ASN A 277 11.39 -9.53 28.06
CA ASN A 277 12.22 -10.09 29.15
C ASN A 277 12.03 -9.29 30.45
N ASN A 278 12.02 -7.97 30.37
CA ASN A 278 11.72 -7.11 31.52
C ASN A 278 10.31 -7.41 32.07
N LEU A 279 9.31 -7.57 31.19
CA LEU A 279 7.94 -7.88 31.58
C LEU A 279 7.79 -9.33 32.09
N ILE A 280 8.57 -10.29 31.60
CA ILE A 280 8.68 -11.64 32.16
C ILE A 280 9.15 -11.55 33.61
N VAL A 281 10.21 -10.78 33.86
CA VAL A 281 10.77 -10.61 35.22
C VAL A 281 9.79 -9.86 36.13
N ASP A 282 9.08 -8.86 35.61
CA ASP A 282 8.03 -8.13 36.35
C ASP A 282 6.66 -8.82 36.37
N GLY A 283 6.54 -10.06 35.87
CA GLY A 283 5.27 -10.78 35.74
C GLY A 283 4.48 -10.34 34.50
N LEU A 284 4.20 -11.28 33.60
CA LEU A 284 3.93 -11.07 32.17
C LEU A 284 2.81 -10.08 31.81
N ALA A 285 1.96 -9.69 32.76
CA ALA A 285 1.02 -8.59 32.56
C ALA A 285 0.77 -7.75 33.82
N HIS A 286 1.50 -7.97 34.92
CA HIS A 286 1.41 -7.18 36.15
C HIS A 286 2.00 -5.78 35.94
N GLY A 287 3.22 -5.72 35.41
CA GLY A 287 3.94 -4.48 35.13
C GLY A 287 3.27 -3.61 34.06
N ASP A 288 3.68 -2.34 34.02
CA ASP A 288 3.21 -1.35 33.06
C ASP A 288 3.60 -1.72 31.63
N GLN A 289 2.60 -2.06 30.82
CA GLN A 289 2.80 -2.50 29.46
C GLN A 289 3.03 -1.38 28.46
N THR A 290 2.92 -0.10 28.82
CA THR A 290 3.01 0.99 27.83
C THR A 290 4.25 0.90 26.97
N GLU A 291 5.41 0.57 27.57
CA GLU A 291 6.64 0.31 26.83
C GLU A 291 6.53 -0.90 25.90
N VAL A 292 6.00 -2.04 26.36
CA VAL A 292 5.82 -3.23 25.50
C VAL A 292 4.80 -2.95 24.39
N ILE A 293 3.73 -2.19 24.65
CA ILE A 293 2.68 -1.86 23.69
C ILE A 293 3.16 -0.86 22.65
N HIS A 294 4.03 0.05 23.06
CA HIS A 294 4.82 0.84 22.13
C HIS A 294 5.73 -0.07 21.32
N CYS A 295 6.49 -0.97 21.93
CA CYS A 295 7.46 -1.80 21.19
C CYS A 295 6.79 -2.80 20.25
N VAL A 296 5.73 -3.45 20.69
CA VAL A 296 4.82 -4.21 19.84
C VAL A 296 4.35 -3.31 18.71
N SER A 297 3.81 -2.13 19.00
CA SER A 297 3.24 -1.24 17.98
C SER A 297 4.27 -0.71 16.97
N ASP A 298 5.48 -0.42 17.41
CA ASP A 298 6.62 -0.06 16.56
C ASP A 298 7.20 -1.24 15.80
N PHE A 299 7.40 -2.41 16.42
CA PHE A 299 7.83 -3.63 15.71
C PHE A 299 6.78 -4.05 14.68
N SER A 300 5.50 -3.98 15.03
CA SER A 300 4.38 -4.37 14.19
C SER A 300 4.20 -3.43 13.03
N THR A 301 4.32 -2.12 13.28
CA THR A 301 4.27 -1.07 12.23
C THR A 301 5.51 -1.07 11.33
N SER A 302 6.71 -1.32 11.85
CA SER A 302 7.97 -1.44 11.08
C SER A 302 8.11 -2.74 10.31
N MET A 303 7.75 -3.88 10.91
CA MET A 303 7.56 -5.16 10.20
C MET A 303 6.48 -5.06 9.12
N ALA A 304 5.28 -4.58 9.44
CA ALA A 304 4.26 -4.37 8.44
C ALA A 304 4.72 -3.42 7.32
N THR A 305 5.53 -2.41 7.63
CA THR A 305 6.12 -1.54 6.60
C THR A 305 7.19 -2.25 5.79
N LEU A 306 8.00 -3.13 6.40
CA LEU A 306 8.97 -3.96 5.69
C LEU A 306 8.28 -4.93 4.73
N VAL A 307 7.27 -5.66 5.19
CA VAL A 307 6.49 -6.65 4.41
C VAL A 307 5.82 -6.00 3.24
N THR A 308 5.20 -4.84 3.45
CA THR A 308 4.70 -4.00 2.36
C THR A 308 5.81 -3.67 1.37
N ASN A 309 6.89 -3.02 1.85
CA ASN A 309 7.94 -2.46 1.00
C ASN A 309 8.70 -3.52 0.21
N SER A 310 9.06 -4.63 0.85
CA SER A 310 9.86 -5.65 0.22
C SER A 310 9.08 -6.40 -0.84
N LYS A 311 7.74 -6.49 -0.74
CA LYS A 311 6.99 -7.02 -1.86
C LYS A 311 7.08 -6.05 -3.04
N ALA A 312 6.77 -4.78 -2.76
CA ALA A 312 6.75 -3.75 -3.80
C ALA A 312 8.08 -3.73 -4.54
N TYR A 313 9.17 -3.70 -3.76
CA TYR A 313 10.55 -3.69 -4.24
C TYR A 313 10.87 -4.92 -5.08
N ALA A 314 10.59 -6.11 -4.55
CA ALA A 314 10.91 -7.35 -5.24
C ALA A 314 10.21 -7.40 -6.61
N VAL A 315 8.88 -7.21 -6.63
CA VAL A 315 8.08 -7.36 -7.83
C VAL A 315 8.44 -6.31 -8.89
N THR A 316 8.82 -5.09 -8.48
CA THR A 316 9.13 -4.04 -9.43
C THR A 316 10.58 -4.13 -9.95
N THR A 317 11.51 -4.82 -9.25
CA THR A 317 12.93 -4.76 -9.61
C THR A 317 13.44 -6.02 -10.32
N LEU A 318 13.17 -7.22 -9.78
CA LEU A 318 13.97 -8.41 -10.08
C LEU A 318 13.38 -9.27 -11.20
N PRO A 319 14.18 -10.18 -11.81
CA PRO A 319 13.64 -11.19 -12.74
C PRO A 319 12.80 -12.24 -12.01
N GLN A 320 12.05 -13.05 -12.77
CA GLN A 320 10.96 -13.86 -12.22
C GLN A 320 11.43 -14.73 -11.06
N GLU A 321 12.39 -15.64 -11.29
CA GLU A 321 12.86 -16.56 -10.25
C GLU A 321 13.32 -15.80 -9.00
N GLN A 322 14.05 -14.69 -9.17
CA GLN A 322 14.63 -13.92 -8.07
C GLN A 322 13.56 -13.17 -7.27
N SER A 323 12.56 -12.58 -7.95
CA SER A 323 11.42 -11.99 -7.27
C SER A 323 10.62 -13.04 -6.48
N ASP A 324 10.34 -14.18 -7.11
CA ASP A 324 9.60 -15.28 -6.52
C ASP A 324 10.31 -15.78 -5.25
N GLN A 325 11.64 -15.93 -5.38
CA GLN A 325 12.54 -16.33 -4.31
C GLN A 325 12.47 -15.39 -3.11
N ILE A 326 12.56 -14.06 -3.31
CA ILE A 326 12.57 -13.12 -2.21
C ILE A 326 11.22 -13.14 -1.49
N LEU A 327 10.10 -13.07 -2.22
CA LEU A 327 8.75 -13.03 -1.65
C LEU A 327 8.48 -14.25 -0.77
N THR A 328 8.96 -15.43 -1.21
CA THR A 328 8.82 -16.68 -0.47
C THR A 328 9.42 -16.53 0.92
N LEU A 329 10.55 -15.84 1.02
CA LEU A 329 11.26 -15.68 2.28
C LEU A 329 10.69 -14.52 3.11
N VAL A 330 10.27 -13.42 2.47
CA VAL A 330 9.54 -12.36 3.18
C VAL A 330 8.30 -12.94 3.87
N LYS A 331 7.57 -13.81 3.18
CA LYS A 331 6.44 -14.53 3.74
C LYS A 331 6.86 -15.39 4.92
N ARG A 332 7.94 -16.18 4.81
CA ARG A 332 8.44 -16.97 5.94
C ARG A 332 8.81 -16.09 7.12
N CYS A 333 9.42 -14.93 6.87
CA CYS A 333 9.75 -13.97 7.92
C CYS A 333 8.49 -13.38 8.57
N ALA A 334 7.51 -12.96 7.76
CA ALA A 334 6.21 -12.48 8.23
C ALA A 334 5.47 -13.51 9.07
N ARG A 335 5.39 -14.76 8.61
CA ARG A 335 4.86 -15.90 9.38
C ARG A 335 5.65 -16.16 10.65
N GLU A 336 6.97 -16.12 10.60
CA GLU A 336 7.79 -16.29 11.80
C GLU A 336 7.54 -15.17 12.81
N ALA A 337 7.29 -13.94 12.36
CA ALA A 337 6.86 -12.88 13.26
C ALA A 337 5.46 -13.16 13.81
N GLN A 338 4.54 -13.68 13.00
CA GLN A 338 3.26 -14.16 13.51
C GLN A 338 3.47 -15.27 14.55
N TYR A 339 4.36 -16.24 14.33
CA TYR A 339 4.76 -17.24 15.33
C TYR A 339 5.41 -16.59 16.56
N PHE A 340 6.08 -15.45 16.46
CA PHE A 340 6.66 -14.78 17.62
C PHE A 340 5.56 -14.33 18.58
N PHE A 341 4.50 -13.68 18.07
CA PHE A 341 3.34 -13.37 18.90
C PHE A 341 2.50 -14.63 19.22
N GLU A 342 2.25 -15.53 18.25
CA GLU A 342 1.41 -16.72 18.39
C GLU A 342 1.98 -17.81 19.31
N ASP A 343 3.30 -18.07 19.27
CA ASP A 343 3.95 -19.08 20.11
C ASP A 343 4.05 -18.65 21.58
N LEU A 344 3.79 -17.36 21.82
CA LEU A 344 3.46 -16.81 23.12
C LEU A 344 1.93 -16.78 23.33
N MET A 345 1.25 -15.78 22.76
CA MET A 345 -0.11 -15.37 23.15
C MET A 345 -0.19 -15.34 24.68
N SER A 346 -0.99 -16.22 25.24
CA SER A 346 -0.78 -16.79 26.57
C SER A 346 -1.04 -18.30 26.53
N GLU A 347 -1.95 -18.77 25.66
CA GLU A 347 -2.30 -20.18 25.44
C GLU A 347 -1.08 -21.12 25.30
N ASN A 348 -0.18 -20.84 24.36
CA ASN A 348 1.02 -21.66 24.13
C ASN A 348 2.05 -21.55 25.25
N LEU A 349 2.11 -20.40 25.93
CA LEU A 349 3.03 -20.11 27.01
C LEU A 349 2.55 -20.59 28.38
N ASN A 350 1.26 -20.77 28.62
CA ASN A 350 0.66 -20.90 29.96
C ASN A 350 1.29 -22.00 30.84
N GLN A 351 1.82 -23.08 30.24
CA GLN A 351 2.39 -24.23 30.96
C GLN A 351 3.93 -24.27 31.00
N VAL A 352 4.62 -23.45 30.19
CA VAL A 352 6.09 -23.43 30.05
C VAL A 352 6.76 -22.86 31.31
N GLY A 353 7.92 -23.41 31.70
CA GLY A 353 8.66 -22.99 32.88
C GLY A 353 9.01 -21.50 32.89
N ASP A 354 9.09 -20.94 34.11
CA ASP A 354 8.87 -19.52 34.35
C ASP A 354 9.86 -18.58 33.62
N GLU A 355 11.15 -18.83 33.78
CA GLU A 355 12.19 -18.11 33.02
C GLU A 355 12.38 -18.72 31.62
N GLU A 356 12.08 -20.00 31.46
CA GLU A 356 12.35 -20.81 30.27
C GLU A 356 11.62 -20.29 29.02
N LYS A 357 10.53 -19.54 29.23
CA LYS A 357 9.82 -18.80 28.18
C LYS A 357 10.80 -17.97 27.35
N THR A 358 11.83 -17.41 27.99
CA THR A 358 12.88 -16.61 27.33
C THR A 358 13.68 -17.42 26.31
N ASP A 359 13.73 -18.74 26.41
CA ASP A 359 14.35 -19.58 25.38
C ASP A 359 13.45 -19.68 24.16
N ILE A 360 12.11 -19.75 24.31
CA ILE A 360 11.18 -19.59 23.17
C ILE A 360 11.39 -18.22 22.52
N VAL A 361 11.49 -17.17 23.33
CA VAL A 361 11.75 -15.82 22.84
C VAL A 361 13.06 -15.77 22.07
N ILE A 362 14.15 -16.28 22.64
CA ILE A 362 15.47 -16.18 22.02
C ILE A 362 15.62 -17.14 20.84
N ASN A 363 15.00 -18.31 20.86
CA ASN A 363 14.99 -19.21 19.71
C ASN A 363 14.12 -18.67 18.58
N ALA A 364 12.93 -18.13 18.89
CA ALA A 364 12.12 -17.44 17.90
C ALA A 364 12.83 -16.22 17.35
N ASN A 365 13.52 -15.46 18.22
CA ASN A 365 14.38 -14.37 17.79
C ASN A 365 15.46 -14.90 16.85
N VAL A 366 16.31 -15.85 17.25
CA VAL A 366 17.43 -16.31 16.42
C VAL A 366 16.98 -16.94 15.11
N ASP A 367 15.90 -17.72 15.10
CA ASP A 367 15.35 -18.24 13.85
C ASP A 367 14.79 -17.12 12.96
N MET A 368 14.06 -16.15 13.51
CA MET A 368 13.69 -14.98 12.76
C MET A 368 14.92 -14.28 12.24
N GLN A 369 15.93 -14.07 13.07
CA GLN A 369 17.16 -13.39 12.71
C GLN A 369 17.90 -14.19 11.65
N GLU A 370 17.83 -15.52 11.63
CA GLU A 370 18.33 -16.34 10.54
C GLU A 370 17.56 -16.03 9.25
N LYS A 371 16.23 -15.92 9.31
CA LYS A 371 15.42 -15.58 8.15
C LYS A 371 15.71 -14.15 7.72
N LEU A 372 15.94 -13.21 8.64
CA LEU A 372 16.34 -11.84 8.35
C LEU A 372 17.76 -11.80 7.80
N GLN A 373 18.66 -12.64 8.28
CA GLN A 373 20.03 -12.70 7.78
C GLN A 373 20.06 -13.32 6.39
N GLU A 374 19.34 -14.43 6.18
CA GLU A 374 19.20 -15.05 4.87
C GLU A 374 18.45 -14.14 3.92
N LEU A 375 17.48 -13.37 4.39
CA LEU A 375 16.86 -12.29 3.63
C LEU A 375 17.86 -11.17 3.36
N SER A 376 18.72 -10.82 4.33
CA SER A 376 19.73 -9.79 4.18
C SER A 376 20.73 -10.20 3.12
N LEU A 377 21.23 -11.43 3.20
CA LEU A 377 22.09 -12.08 2.20
C LEU A 377 21.39 -12.28 0.85
N ALA A 378 20.05 -12.10 0.78
CA ALA A 378 19.36 -12.07 -0.50
C ALA A 378 19.30 -10.65 -1.08
N ILE A 379 19.47 -9.61 -0.26
CA ILE A 379 19.47 -8.20 -0.67
C ILE A 379 20.89 -7.62 -0.78
N GLU A 380 21.85 -8.08 0.02
CA GLU A 380 23.22 -7.55 0.00
C GLU A 380 23.89 -7.70 -1.37
N PRO A 381 23.79 -8.86 -2.06
CA PRO A 381 24.24 -8.98 -3.45
C PRO A 381 23.71 -7.96 -4.45
N LEU A 382 22.76 -7.08 -4.05
CA LEU A 382 22.16 -6.09 -4.94
C LEU A 382 22.86 -4.72 -4.85
N LEU A 383 23.66 -4.48 -3.78
CA LEU A 383 24.27 -3.19 -3.48
C LEU A 383 25.19 -2.70 -4.60
N ASN A 384 25.22 -1.36 -4.80
CA ASN A 384 26.00 -0.72 -5.85
C ASN A 384 27.47 -0.54 -5.40
N ILE A 385 28.41 -0.58 -6.36
CA ILE A 385 29.86 -0.63 -6.08
C ILE A 385 30.43 0.75 -5.71
N GLN A 386 29.72 1.86 -6.02
CA GLN A 386 30.29 3.21 -5.97
C GLN A 386 30.78 3.63 -4.57
N SER A 387 30.24 3.05 -3.48
CA SER A 387 30.66 3.36 -2.12
C SER A 387 32.06 2.83 -1.77
N VAL A 388 32.59 1.86 -2.53
CA VAL A 388 33.81 1.14 -2.19
C VAL A 388 35.03 2.09 -2.14
N LYS A 389 35.07 3.12 -3.01
CA LYS A 389 36.19 4.06 -3.06
C LYS A 389 36.00 5.27 -2.14
N SER A 390 34.98 5.27 -1.26
CA SER A 390 34.69 6.42 -0.39
C SER A 390 34.12 6.03 0.99
N ASN A 391 34.60 4.91 1.56
CA ASN A 391 34.40 4.61 2.98
C ASN A 391 35.20 5.59 3.85
N LYS A 392 34.51 6.53 4.53
CA LYS A 392 35.15 7.64 5.23
C LYS A 392 34.42 8.05 6.51
N GLU A 393 35.13 8.78 7.38
CA GLU A 393 34.64 9.27 8.67
C GLU A 393 33.92 10.63 8.58
N THR A 394 33.60 11.09 7.36
CA THR A 394 33.25 12.50 7.10
C THR A 394 31.84 12.87 7.56
N ASN A 395 30.94 11.89 7.72
CA ASN A 395 29.59 12.07 8.29
C ASN A 395 28.61 12.88 7.40
N PRO A 396 27.29 12.56 7.43
CA PRO A 396 26.27 13.30 6.68
C PRO A 396 25.97 14.72 7.17
N HIS A 397 26.10 15.02 8.48
CA HIS A 397 25.89 16.38 8.97
C HIS A 397 26.70 17.39 8.13
N SER A 398 28.02 17.14 8.02
CA SER A 398 28.91 18.01 7.25
C SER A 398 28.54 18.03 5.75
N GLU A 399 28.05 16.92 5.17
CA GLU A 399 27.60 16.87 3.78
C GLU A 399 26.37 17.78 3.59
N LEU A 400 25.42 17.81 4.54
CA LEU A 400 24.32 18.75 4.44
C LEU A 400 24.82 20.19 4.54
N VAL A 401 25.68 20.49 5.52
CA VAL A 401 26.21 21.84 5.70
C VAL A 401 26.97 22.29 4.46
N ALA A 402 27.74 21.39 3.85
CA ALA A 402 28.40 21.65 2.57
C ALA A 402 27.41 21.80 1.43
N THR A 403 26.32 21.00 1.43
CA THR A 403 25.31 21.05 0.37
C THR A 403 24.68 22.45 0.28
N ALA A 404 24.40 23.07 1.42
CA ALA A 404 23.90 24.44 1.45
C ALA A 404 24.79 25.37 0.62
N ASP A 405 26.10 25.39 0.89
CA ASP A 405 27.04 26.24 0.17
C ASP A 405 27.20 25.84 -1.30
N LYS A 406 27.21 24.53 -1.62
CA LYS A 406 27.27 24.08 -3.00
C LYS A 406 26.14 24.70 -3.81
N ILE A 407 24.93 24.69 -3.24
CA ILE A 407 23.76 25.25 -3.90
C ILE A 407 23.86 26.79 -3.95
N VAL A 408 24.12 27.43 -2.80
CA VAL A 408 24.13 28.89 -2.72
C VAL A 408 25.22 29.50 -3.61
N LYS A 409 26.42 28.92 -3.66
CA LYS A 409 27.51 29.39 -4.54
C LYS A 409 27.20 29.18 -6.03
N SER A 410 26.45 28.11 -6.37
CA SER A 410 25.97 27.88 -7.73
C SER A 410 24.87 28.88 -8.10
N SER A 411 24.00 29.21 -7.13
CA SER A 411 22.81 30.03 -7.37
C SER A 411 22.99 31.53 -7.08
N GLU A 412 24.17 31.98 -6.62
CA GLU A 412 24.51 33.39 -6.54
C GLU A 412 24.31 34.08 -7.89
N HIS A 413 24.56 33.33 -8.98
CA HIS A 413 24.35 33.77 -10.35
C HIS A 413 22.88 34.14 -10.64
N LEU A 414 21.92 33.54 -9.89
CA LEU A 414 20.51 33.51 -10.26
C LEU A 414 19.67 34.57 -9.53
N ARG A 415 20.06 35.86 -9.63
CA ARG A 415 19.26 36.97 -9.12
C ARG A 415 19.41 38.22 -10.00
N VAL A 416 19.06 38.08 -11.30
CA VAL A 416 19.10 39.17 -12.27
C VAL A 416 17.97 40.18 -12.07
N ASP A 417 18.14 41.39 -12.63
CA ASP A 417 17.35 42.57 -12.29
C ASP A 417 15.91 42.50 -12.80
N VAL A 418 15.63 41.69 -13.84
CA VAL A 418 14.29 41.51 -14.37
C VAL A 418 14.01 40.01 -14.55
N PRO A 419 13.12 39.42 -13.73
CA PRO A 419 12.80 37.98 -13.81
C PRO A 419 11.79 37.68 -14.90
N LYS A 420 11.56 36.38 -15.11
CA LYS A 420 10.59 35.86 -16.06
C LYS A 420 9.66 34.89 -15.33
N PRO A 421 8.40 34.67 -15.82
CA PRO A 421 7.44 33.83 -15.11
C PRO A 421 7.97 32.44 -14.75
N LEU A 422 8.38 31.63 -15.74
CA LEU A 422 8.78 30.25 -15.51
C LEU A 422 10.02 30.20 -14.59
N LEU A 423 10.97 31.11 -14.85
CA LEU A 423 12.17 31.23 -14.04
C LEU A 423 11.83 31.52 -12.57
N SER A 424 10.90 32.43 -12.29
CA SER A 424 10.54 32.76 -10.91
C SER A 424 10.04 31.53 -10.14
N LEU A 425 9.22 30.68 -10.79
CA LEU A 425 8.77 29.43 -10.18
C LEU A 425 9.95 28.53 -9.84
N ALA A 426 10.94 28.47 -10.73
CA ALA A 426 12.15 27.71 -10.47
C ALA A 426 12.89 28.26 -9.26
N LEU A 427 12.94 29.59 -9.12
CA LEU A 427 13.58 30.18 -7.94
C LEU A 427 12.77 29.87 -6.67
N MET A 428 11.44 29.86 -6.74
CA MET A 428 10.62 29.44 -5.61
C MET A 428 10.94 28.00 -5.19
N ILE A 429 11.16 27.09 -6.15
CA ILE A 429 11.62 25.75 -5.82
C ILE A 429 12.95 25.84 -5.08
N ILE A 430 13.99 26.41 -5.74
CA ILE A 430 15.37 26.39 -5.26
C ILE A 430 15.45 26.99 -3.86
N ASP A 431 14.77 28.13 -3.66
CA ASP A 431 14.69 28.81 -2.38
C ASP A 431 14.01 27.95 -1.30
N ALA A 432 12.99 27.17 -1.69
CA ALA A 432 12.32 26.23 -0.78
C ALA A 432 13.21 25.03 -0.49
N VAL A 433 13.94 24.54 -1.49
CA VAL A 433 14.88 23.42 -1.37
C VAL A 433 16.01 23.75 -0.41
N VAL A 434 16.56 24.96 -0.45
CA VAL A 434 17.61 25.36 0.48
C VAL A 434 17.05 25.50 1.91
N ALA A 435 15.84 26.05 2.03
CA ALA A 435 15.14 26.12 3.32
C ALA A 435 14.93 24.72 3.90
N LEU A 436 14.51 23.76 3.05
CA LEU A 436 14.37 22.34 3.35
C LEU A 436 15.71 21.74 3.79
N VAL A 437 16.79 21.94 3.04
CA VAL A 437 18.12 21.47 3.45
C VAL A 437 18.55 22.08 4.77
N LYS A 438 18.30 23.38 5.02
CA LYS A 438 18.61 24.00 6.31
C LYS A 438 17.75 23.44 7.45
N ALA A 439 16.49 23.06 7.16
CA ALA A 439 15.72 22.27 8.10
C ALA A 439 16.40 20.93 8.35
N ALA A 440 16.82 20.23 7.29
CA ALA A 440 17.46 18.91 7.40
C ALA A 440 18.77 18.94 8.20
N ILE A 441 19.46 20.09 8.20
CA ILE A 441 20.65 20.34 9.03
C ILE A 441 20.26 20.37 10.50
N GLN A 442 19.12 20.99 10.80
CA GLN A 442 18.62 21.10 12.16
C GLN A 442 18.01 19.79 12.67
N CYS A 443 17.50 18.93 11.79
CA CYS A 443 16.91 17.64 12.14
C CYS A 443 17.86 16.74 12.93
N GLN A 444 19.05 16.47 12.39
CA GLN A 444 20.06 15.64 13.02
C GLN A 444 20.58 16.28 14.31
N ASN A 445 20.68 17.60 14.33
CA ASN A 445 21.15 18.31 15.51
C ASN A 445 20.17 18.12 16.66
N GLU A 446 18.85 18.11 16.39
CA GLU A 446 17.86 17.77 17.43
C GLU A 446 17.94 16.28 17.84
N ILE A 447 18.25 15.36 16.91
CA ILE A 447 18.52 13.95 17.27
C ILE A 447 19.76 13.85 18.17
N ALA A 448 20.82 14.60 17.90
CA ALA A 448 22.03 14.61 18.70
C ALA A 448 21.82 15.18 20.13
N THR A 449 20.73 15.94 20.36
CA THR A 449 20.35 16.38 21.72
C THR A 449 19.28 15.47 22.34
N THR A 450 18.49 14.76 21.51
CA THR A 450 17.53 13.74 21.99
C THR A 450 18.28 12.50 22.48
N THR A 451 19.32 12.10 21.75
CA THR A 451 20.23 11.02 22.15
C THR A 451 21.25 11.52 23.18
N SER A 452 21.83 10.58 23.95
CA SER A 452 22.68 10.90 25.10
C SER A 452 24.18 10.74 24.82
N ILE A 453 24.57 10.55 23.54
CA ILE A 453 25.93 10.16 23.14
C ILE A 453 26.44 11.02 21.97
N PRO A 454 27.78 11.16 21.78
CA PRO A 454 28.35 11.94 20.67
C PRO A 454 27.94 11.48 19.27
N LEU A 455 28.02 12.40 18.31
CA LEU A 455 27.69 12.09 16.93
C LEU A 455 28.53 10.92 16.40
N ASN A 456 29.83 10.86 16.73
CA ASN A 456 30.68 9.75 16.28
C ASN A 456 30.26 8.41 16.90
N GLN A 457 29.96 8.38 18.22
CA GLN A 457 29.50 7.18 18.90
C GLN A 457 28.12 6.71 18.42
N PHE A 458 27.32 7.62 17.87
CA PHE A 458 26.04 7.34 17.24
C PHE A 458 26.25 6.84 15.79
N TYR A 459 26.92 7.62 14.95
CA TYR A 459 27.17 7.25 13.56
C TYR A 459 27.96 5.93 13.41
N LEU A 460 28.85 5.57 14.35
CA LEU A 460 29.75 4.44 14.11
C LEU A 460 29.03 3.10 14.13
N LYS A 461 27.82 3.02 14.70
CA LYS A 461 26.99 1.81 14.70
C LYS A 461 26.10 1.72 13.46
N ASN A 462 25.31 2.75 13.19
CA ASN A 462 24.19 2.71 12.25
C ASN A 462 24.61 2.89 10.80
N SER A 463 25.56 2.09 10.29
CA SER A 463 26.18 2.32 8.99
C SER A 463 25.20 2.27 7.83
N ARG A 464 24.20 1.39 7.90
CA ARG A 464 23.21 1.22 6.83
C ARG A 464 22.24 2.37 6.76
N TRP A 465 21.82 2.92 7.91
CA TRP A 465 21.07 4.19 7.92
C TRP A 465 21.95 5.33 7.45
N THR A 466 23.20 5.39 7.92
CA THR A 466 24.13 6.48 7.62
C THR A 466 24.30 6.62 6.11
N GLU A 467 24.56 5.50 5.40
CA GLU A 467 24.68 5.48 3.94
C GLU A 467 23.37 5.87 3.25
N GLY A 468 22.23 5.56 3.86
CA GLY A 468 20.92 5.97 3.35
C GLY A 468 20.74 7.49 3.42
N LEU A 469 21.09 8.08 4.55
CA LEU A 469 21.02 9.52 4.75
C LEU A 469 22.02 10.27 3.87
N ILE A 470 23.27 9.80 3.74
CA ILE A 470 24.24 10.41 2.82
C ILE A 470 23.76 10.28 1.37
N SER A 471 23.32 9.09 0.93
CA SER A 471 22.85 8.91 -0.43
C SER A 471 21.62 9.79 -0.70
N ALA A 472 20.77 9.99 0.30
CA ALA A 472 19.66 10.93 0.19
C ALA A 472 20.18 12.37 0.06
N ALA A 473 21.11 12.82 0.91
CA ALA A 473 21.70 14.16 0.81
C ALA A 473 22.35 14.40 -0.56
N LYS A 474 23.08 13.41 -1.08
CA LYS A 474 23.69 13.46 -2.41
C LYS A 474 22.66 13.39 -3.55
N ALA A 475 21.52 12.74 -3.33
CA ALA A 475 20.41 12.77 -4.26
C ALA A 475 19.74 14.15 -4.29
N VAL A 476 19.57 14.84 -3.15
CA VAL A 476 19.03 16.21 -3.14
C VAL A 476 20.01 17.21 -3.73
N ALA A 477 21.31 17.13 -3.40
CA ALA A 477 22.35 17.90 -4.07
C ALA A 477 22.36 17.66 -5.59
N GLY A 478 22.44 16.38 -5.99
CA GLY A 478 22.47 16.02 -7.40
C GLY A 478 21.20 16.45 -8.16
N ALA A 479 20.02 16.25 -7.55
CA ALA A 479 18.74 16.62 -8.11
C ALA A 479 18.67 18.13 -8.34
N THR A 480 18.96 18.89 -7.29
CA THR A 480 18.92 20.34 -7.37
C THR A 480 19.97 20.83 -8.35
N ASN A 481 21.14 20.20 -8.40
CA ASN A 481 22.17 20.54 -9.38
C ASN A 481 21.67 20.33 -10.82
N VAL A 482 20.90 19.28 -11.12
CA VAL A 482 20.33 19.16 -12.45
C VAL A 482 19.22 20.22 -12.63
N LEU A 483 18.48 20.61 -11.58
CA LEU A 483 17.51 21.69 -11.71
C LEU A 483 18.22 23.02 -12.02
N ILE A 484 19.22 23.41 -11.21
CA ILE A 484 20.07 24.59 -11.43
C ILE A 484 20.74 24.56 -12.80
N THR A 485 21.32 23.40 -13.18
CA THR A 485 21.97 23.22 -14.47
C THR A 485 20.95 23.38 -15.60
N THR A 486 19.67 23.06 -15.37
CA THR A 486 18.65 23.28 -16.38
C THR A 486 18.25 24.75 -16.41
N ALA A 487 18.01 25.35 -15.24
CA ALA A 487 17.59 26.76 -15.12
C ALA A 487 18.64 27.73 -15.68
N SER A 488 19.91 27.34 -15.65
CA SER A 488 21.00 28.09 -16.29
C SER A 488 20.70 28.42 -17.75
N LYS A 489 20.02 27.54 -18.49
CA LYS A 489 19.64 27.84 -19.87
C LYS A 489 18.61 28.98 -19.95
N LEU A 490 17.79 29.11 -18.89
CA LEU A 490 16.71 30.09 -18.77
C LEU A 490 17.17 31.40 -18.11
N ILE A 491 18.50 31.64 -18.07
CA ILE A 491 19.08 32.91 -17.64
C ILE A 491 20.34 33.26 -18.46
N THR A 492 21.22 32.28 -18.72
CA THR A 492 22.48 32.54 -19.44
C THR A 492 22.20 32.91 -20.90
N SER A 493 20.96 32.71 -21.38
CA SER A 493 20.44 33.41 -22.53
C SER A 493 19.14 34.11 -22.15
N GLU A 494 18.97 35.36 -22.60
CA GLU A 494 17.70 36.07 -22.52
C GLU A 494 16.83 35.74 -23.74
N ASP A 495 17.45 35.49 -24.89
CA ASP A 495 16.80 35.07 -26.12
C ASP A 495 16.43 33.57 -26.09
N ASN A 496 15.39 33.23 -26.86
CA ASN A 496 14.74 31.92 -26.88
C ASN A 496 15.55 30.90 -27.71
N GLU A 497 16.85 30.74 -27.40
CA GLU A 497 17.78 29.91 -28.15
C GLU A 497 17.50 28.41 -27.95
N ASN A 498 16.95 28.04 -26.78
CA ASN A 498 16.58 26.65 -26.50
C ASN A 498 15.40 26.58 -25.52
N THR A 499 14.65 25.45 -25.63
CA THR A 499 13.55 25.11 -24.72
C THR A 499 13.54 23.60 -24.50
N SER A 500 13.01 23.16 -23.35
CA SER A 500 12.97 21.75 -22.98
C SER A 500 11.94 21.49 -21.87
N PRO A 501 10.63 21.60 -22.15
CA PRO A 501 9.61 21.55 -21.10
C PRO A 501 9.54 20.21 -20.37
N GLU A 502 9.63 19.09 -21.10
CA GLU A 502 9.55 17.77 -20.47
C GLU A 502 10.70 17.62 -19.49
N GLN A 503 11.86 18.21 -19.82
CA GLN A 503 13.04 18.10 -18.97
C GLN A 503 12.75 18.72 -17.61
N PHE A 504 12.00 19.84 -17.58
CA PHE A 504 11.55 20.44 -16.34
C PHE A 504 10.58 19.53 -15.60
N ILE A 505 9.65 18.90 -16.31
CA ILE A 505 8.70 18.05 -15.62
C ILE A 505 9.43 16.85 -15.00
N VAL A 506 10.31 16.20 -15.76
CA VAL A 506 11.21 15.18 -15.25
C VAL A 506 11.93 15.69 -14.01
N ALA A 507 12.63 16.83 -14.14
CA ALA A 507 13.55 17.34 -13.13
C ALA A 507 12.85 17.80 -11.83
N SER A 508 11.70 18.46 -12.01
CA SER A 508 10.83 18.86 -10.91
C SER A 508 10.26 17.65 -10.17
N LYS A 509 9.84 16.60 -10.89
CA LYS A 509 9.45 15.31 -10.28
C LYS A 509 10.63 14.60 -9.64
N GLU A 510 11.84 14.69 -10.19
CA GLU A 510 13.07 14.17 -9.57
C GLU A 510 13.46 14.90 -8.28
N VAL A 511 13.40 16.23 -8.21
CA VAL A 511 13.53 16.94 -6.92
C VAL A 511 12.39 16.59 -5.98
N ALA A 512 11.15 16.53 -6.48
CA ALA A 512 10.01 16.17 -5.65
C ALA A 512 10.10 14.74 -5.09
N ALA A 513 10.58 13.76 -5.85
CA ALA A 513 10.76 12.39 -5.37
C ALA A 513 11.96 12.23 -4.41
N SER A 514 13.13 12.75 -4.78
CA SER A 514 14.33 12.70 -3.93
C SER A 514 14.19 13.49 -2.64
N THR A 515 13.49 14.62 -2.63
CA THR A 515 13.16 15.33 -1.37
C THR A 515 12.23 14.56 -0.45
N ILE A 516 11.31 13.76 -0.99
CA ILE A 516 10.49 12.86 -0.18
C ILE A 516 11.34 11.73 0.41
N GLN A 517 12.26 11.15 -0.38
CA GLN A 517 13.23 10.20 0.17
C GLN A 517 14.05 10.82 1.31
N LEU A 518 14.54 12.05 1.17
CA LEU A 518 15.29 12.72 2.24
C LEU A 518 14.45 12.84 3.52
N VAL A 519 13.15 13.20 3.45
CA VAL A 519 12.31 13.23 4.67
C VAL A 519 12.19 11.83 5.26
N ALA A 520 11.83 10.84 4.45
CA ALA A 520 11.63 9.48 4.93
C ALA A 520 12.91 8.92 5.58
N ALA A 521 14.05 9.04 4.89
CA ALA A 521 15.36 8.67 5.41
C ALA A 521 15.75 9.44 6.68
N SER A 522 15.28 10.67 6.83
CA SER A 522 15.41 11.48 8.06
C SER A 522 14.40 11.12 9.16
N ARG A 523 13.34 10.36 8.84
CA ARG A 523 12.24 10.09 9.77
C ARG A 523 12.59 9.01 10.78
N VAL A 524 13.23 7.92 10.31
CA VAL A 524 13.21 6.61 10.99
C VAL A 524 13.63 6.68 12.46
N LYS A 525 14.53 7.61 12.80
CA LYS A 525 15.17 7.75 14.12
C LYS A 525 14.47 8.74 15.08
N THR A 526 13.40 9.42 14.67
CA THR A 526 12.65 10.40 15.50
C THR A 526 11.23 9.94 15.84
N SER A 527 10.81 10.05 17.10
CA SER A 527 9.39 10.21 17.43
C SER A 527 8.87 11.59 16.97
N ILE A 528 7.59 11.68 16.61
CA ILE A 528 7.04 12.74 15.73
C ILE A 528 7.04 14.18 16.27
N HIS A 529 7.12 14.38 17.59
CA HIS A 529 6.84 15.67 18.25
C HIS A 529 7.89 16.78 17.98
N SER A 530 8.94 16.47 17.22
CA SER A 530 10.01 17.38 16.83
C SER A 530 9.52 18.54 15.95
N LYS A 531 9.83 19.77 16.35
CA LYS A 531 9.56 20.97 15.54
C LYS A 531 10.45 21.02 14.29
N ALA A 532 11.66 20.47 14.34
CA ALA A 532 12.50 20.33 13.15
C ALA A 532 11.86 19.38 12.14
N GLN A 533 11.30 18.24 12.58
CA GLN A 533 10.52 17.36 11.70
C GLN A 533 9.33 18.10 11.10
N ASP A 534 8.55 18.76 11.94
CA ASP A 534 7.36 19.49 11.48
C ASP A 534 7.72 20.58 10.47
N LYS A 535 8.80 21.34 10.72
CA LYS A 535 9.30 22.36 9.80
C LYS A 535 9.78 21.73 8.49
N LEU A 536 10.52 20.63 8.54
CA LEU A 536 10.96 19.91 7.34
C LEU A 536 9.76 19.45 6.53
N GLU A 537 8.78 18.84 7.18
CA GLU A 537 7.59 18.36 6.50
C GLU A 537 6.83 19.51 5.86
N HIS A 538 6.58 20.59 6.59
CA HIS A 538 5.90 21.75 6.04
C HIS A 538 6.68 22.36 4.86
N CYS A 539 8.00 22.48 5.01
CA CYS A 539 8.83 22.96 3.92
C CYS A 539 8.79 22.02 2.72
N SER A 540 8.69 20.70 2.94
CA SER A 540 8.55 19.76 1.84
C SER A 540 7.21 19.96 1.13
N LYS A 541 6.15 20.39 1.85
CA LYS A 541 4.88 20.79 1.22
C LYS A 541 5.07 22.04 0.38
N ASP A 542 5.87 23.02 0.82
CA ASP A 542 6.22 24.16 -0.02
C ASP A 542 6.86 23.68 -1.33
N VAL A 543 7.85 22.78 -1.26
CA VAL A 543 8.52 22.21 -2.44
C VAL A 543 7.56 21.42 -3.31
N THR A 544 6.72 20.58 -2.70
CA THR A 544 5.72 19.76 -3.35
C THR A 544 4.75 20.63 -4.13
N ASP A 545 4.13 21.59 -3.46
CA ASP A 545 3.17 22.52 -4.05
C ASP A 545 3.82 23.34 -5.17
N ALA A 546 5.09 23.75 -4.99
CA ALA A 546 5.81 24.50 -6.00
C ALA A 546 6.06 23.63 -7.24
N CYS A 547 6.56 22.40 -7.06
CA CYS A 547 6.70 21.47 -8.16
C CYS A 547 5.37 21.18 -8.84
N ARG A 548 4.29 21.08 -8.07
CA ARG A 548 2.95 20.89 -8.59
C ARG A 548 2.52 22.10 -9.44
N SER A 549 2.83 23.31 -8.97
CA SER A 549 2.54 24.57 -9.66
C SER A 549 3.33 24.69 -10.97
N LEU A 550 4.65 24.44 -10.92
CA LEU A 550 5.51 24.39 -12.10
C LEU A 550 5.02 23.31 -13.07
N GLY A 551 4.72 22.13 -12.54
CA GLY A 551 4.14 21.04 -13.31
C GLY A 551 2.90 21.53 -14.05
N ASN A 552 1.91 22.04 -13.30
CA ASN A 552 0.66 22.52 -13.86
C ASN A 552 0.91 23.60 -14.91
N HIS A 553 1.86 24.52 -14.68
CA HIS A 553 2.18 25.55 -15.65
C HIS A 553 2.66 24.95 -16.98
N VAL A 554 3.68 24.07 -16.93
CA VAL A 554 4.27 23.54 -18.15
C VAL A 554 3.30 22.56 -18.82
N MET A 555 2.60 21.73 -18.05
CA MET A 555 1.49 20.92 -18.57
C MET A 555 0.47 21.81 -19.29
N GLY A 556 0.15 22.99 -18.71
CA GLY A 556 -0.69 23.99 -19.35
C GLY A 556 -0.15 24.43 -20.72
N MET A 557 1.15 24.76 -20.81
CA MET A 557 1.78 25.18 -22.06
C MET A 557 1.74 24.08 -23.14
N ILE A 558 1.92 22.82 -22.74
CA ILE A 558 1.84 21.67 -23.64
C ILE A 558 0.40 21.49 -24.15
N GLU A 559 -0.57 21.41 -23.23
CA GLU A 559 -1.95 21.09 -23.59
C GLU A 559 -2.68 22.26 -24.26
N ASP A 560 -2.15 23.49 -24.19
CA ASP A 560 -2.63 24.62 -24.98
C ASP A 560 -2.66 24.26 -26.48
N ASP A 561 -1.59 23.59 -26.96
CA ASP A 561 -1.55 22.99 -28.29
C ASP A 561 -2.24 21.63 -28.33
N HIS A 562 -1.84 20.71 -27.42
CA HIS A 562 -2.18 19.30 -27.52
C HIS A 562 -3.62 18.94 -27.10
N SER A 563 -4.45 19.94 -26.71
CA SER A 563 -5.91 19.80 -26.76
C SER A 563 -6.42 19.43 -28.16
N THR A 564 -5.60 19.69 -29.21
CA THR A 564 -5.86 19.28 -30.59
C THR A 564 -5.65 17.76 -30.75
N SER A 565 -4.72 17.18 -29.98
CA SER A 565 -4.23 15.81 -30.13
C SER A 565 -4.97 14.81 -29.21
N GLN A 566 -5.18 15.20 -27.94
CA GLN A 566 -5.62 14.27 -26.88
C GLN A 566 -7.14 14.11 -26.81
N GLN A 567 -7.80 14.01 -27.97
CA GLN A 567 -9.26 13.90 -28.08
C GLN A 567 -9.71 12.44 -28.13
N GLN A 568 -10.99 12.18 -27.86
CA GLN A 568 -11.60 10.84 -27.88
C GLN A 568 -12.96 10.85 -28.60
N GLN A 569 -13.45 9.65 -28.93
CA GLN A 569 -14.63 9.43 -29.76
C GLN A 569 -15.64 8.52 -29.05
N PRO A 570 -16.95 8.60 -29.37
CA PRO A 570 -17.99 7.83 -28.66
C PRO A 570 -17.86 6.31 -28.77
N LEU A 571 -18.44 5.61 -27.79
CA LEU A 571 -18.14 4.21 -27.48
C LEU A 571 -19.38 3.30 -27.44
N ASP A 572 -20.59 3.83 -27.68
CA ASP A 572 -21.83 3.05 -27.63
C ASP A 572 -22.04 2.16 -28.87
N PHE A 573 -22.76 1.06 -28.67
CA PHE A 573 -23.08 0.03 -29.67
C PHE A 573 -24.49 -0.54 -29.45
N THR A 574 -25.15 -0.98 -30.52
CA THR A 574 -26.47 -1.62 -30.46
C THR A 574 -26.41 -3.15 -30.39
N SER A 575 -25.35 -3.77 -30.89
CA SER A 575 -25.23 -5.23 -31.02
C SER A 575 -24.32 -5.81 -29.93
N GLU A 576 -24.86 -6.69 -29.08
CA GLU A 576 -24.21 -7.12 -27.84
C GLU A 576 -22.88 -7.85 -28.07
N HIS A 577 -22.80 -8.65 -29.12
CA HIS A 577 -21.56 -9.33 -29.54
C HIS A 577 -20.38 -8.35 -29.65
N THR A 578 -20.65 -7.14 -30.15
CA THR A 578 -19.63 -6.12 -30.37
C THR A 578 -19.17 -5.48 -29.06
N LEU A 579 -20.03 -5.37 -28.03
CA LEU A 579 -19.58 -4.99 -26.68
C LEU A 579 -18.73 -6.09 -26.07
N LYS A 580 -19.22 -7.35 -26.08
CA LYS A 580 -18.51 -8.46 -25.46
C LYS A 580 -17.14 -8.68 -26.11
N THR A 581 -17.03 -8.35 -27.39
CA THR A 581 -15.75 -8.23 -28.12
C THR A 581 -14.96 -6.98 -27.73
N ALA A 582 -15.53 -5.78 -27.68
CA ALA A 582 -14.79 -4.53 -27.50
C ALA A 582 -14.00 -4.47 -26.19
N GLU A 583 -14.52 -5.01 -25.10
CA GLU A 583 -13.71 -5.15 -23.89
C GLU A 583 -12.54 -6.13 -24.04
N MET A 584 -12.70 -7.19 -24.84
CA MET A 584 -11.66 -8.19 -25.12
C MET A 584 -10.67 -7.75 -26.19
N GLU A 585 -10.98 -6.71 -26.98
CA GLU A 585 -9.95 -5.92 -27.64
C GLU A 585 -9.17 -5.12 -26.60
N GLN A 586 -9.88 -4.41 -25.73
CA GLN A 586 -9.28 -3.42 -24.85
C GLN A 586 -8.33 -4.04 -23.84
N GLN A 587 -8.65 -5.17 -23.23
CA GLN A 587 -7.79 -5.79 -22.21
C GLN A 587 -6.40 -6.24 -22.71
N VAL A 588 -6.19 -6.36 -24.02
CA VAL A 588 -4.87 -6.72 -24.59
C VAL A 588 -3.94 -5.50 -24.73
N GLU A 589 -4.49 -4.30 -24.97
CA GLU A 589 -3.70 -3.05 -25.04
C GLU A 589 -3.11 -2.69 -23.68
N ILE A 590 -3.86 -2.88 -22.60
CA ILE A 590 -3.40 -2.70 -21.22
C ILE A 590 -2.48 -3.85 -20.74
N LEU A 591 -2.05 -4.74 -21.66
CA LEU A 591 -1.03 -5.75 -21.41
C LEU A 591 0.28 -5.28 -22.05
N LYS A 592 0.25 -4.98 -23.35
CA LYS A 592 1.40 -4.47 -24.10
C LYS A 592 2.01 -3.20 -23.49
N LEU A 593 1.16 -2.33 -22.91
CA LEU A 593 1.55 -1.07 -22.28
C LEU A 593 1.51 -1.20 -20.75
N GLU A 594 1.92 -2.38 -20.26
CA GLU A 594 2.38 -2.55 -18.90
C GLU A 594 3.68 -3.36 -18.98
N GLN A 595 3.77 -4.34 -19.87
CA GLN A 595 5.03 -4.99 -20.21
C GLN A 595 6.08 -3.98 -20.71
N SER A 596 5.73 -3.05 -21.61
CA SER A 596 6.72 -2.09 -22.11
C SER A 596 7.32 -1.28 -20.96
N LEU A 597 6.49 -0.77 -20.04
CA LEU A 597 6.95 -0.05 -18.85
C LEU A 597 7.76 -0.95 -17.92
N SER A 598 7.37 -2.19 -17.63
CA SER A 598 8.17 -3.01 -16.71
C SER A 598 9.47 -3.55 -17.36
N ASN A 599 9.61 -3.40 -18.69
CA ASN A 599 10.77 -3.80 -19.49
C ASN A 599 11.80 -2.66 -19.50
N ALA A 600 11.37 -1.44 -19.87
CA ALA A 600 12.30 -0.32 -19.98
C ALA A 600 12.74 0.25 -18.59
N ARG A 601 11.97 0.05 -17.53
CA ARG A 601 12.34 0.61 -16.24
C ARG A 601 13.55 -0.08 -15.61
N LYS A 602 14.01 -1.26 -16.10
CA LYS A 602 15.25 -1.89 -15.60
C LYS A 602 16.49 -1.48 -16.41
N ARG A 603 16.33 -1.10 -17.70
CA ARG A 603 17.44 -0.61 -18.50
C ARG A 603 18.11 0.63 -17.88
N LEU A 604 17.30 1.46 -17.22
CA LEU A 604 17.77 2.47 -16.28
C LEU A 604 18.62 1.87 -15.12
N GLY A 605 18.15 0.82 -14.43
CA GLY A 605 18.88 0.17 -13.34
C GLY A 605 20.22 -0.45 -13.74
N GLU A 606 20.50 -0.59 -15.05
CA GLU A 606 21.79 -1.02 -15.57
C GLU A 606 22.67 0.19 -15.95
N ILE A 607 22.08 1.24 -16.53
CA ILE A 607 22.75 2.54 -16.71
C ILE A 607 23.12 3.17 -15.36
N ARG A 608 22.40 2.85 -14.28
CA ARG A 608 22.74 3.15 -12.89
C ARG A 608 24.02 2.49 -12.38
N ARG A 609 24.53 1.47 -13.10
CA ARG A 609 25.68 0.67 -12.65
C ARG A 609 26.83 0.72 -13.66
N HIS A 610 26.62 0.19 -14.87
CA HIS A 610 27.71 -0.12 -15.81
C HIS A 610 28.57 1.10 -16.16
N ALA A 611 27.92 2.22 -16.50
CA ALA A 611 28.61 3.47 -16.77
C ALA A 611 29.12 4.13 -15.49
N TYR A 612 28.36 4.03 -14.37
CA TYR A 612 28.74 4.70 -13.13
C TYR A 612 30.04 4.14 -12.52
N TYR A 613 30.41 2.89 -12.81
CA TYR A 613 31.71 2.39 -12.36
C TYR A 613 32.86 3.08 -13.09
N ASN A 614 32.62 3.65 -14.28
CA ASN A 614 33.53 4.58 -14.92
C ASN A 614 33.43 5.97 -14.26
N GLN A 615 32.21 6.39 -13.90
CA GLN A 615 31.96 7.65 -13.20
C GLN A 615 32.68 7.75 -11.84
N ASP A 616 33.05 6.61 -11.23
CA ASP A 616 33.93 6.57 -10.06
C ASP A 616 35.33 7.15 -10.33
N ASP A 617 35.81 6.99 -11.58
CA ASP A 617 37.16 7.36 -12.00
C ASP A 617 37.19 8.68 -12.79
N ASP A 618 36.03 9.08 -13.38
CA ASP A 618 35.85 10.29 -14.17
C ASP A 618 36.12 11.60 -13.39
N ALA B 210 -16.25 7.76 39.89
CA ALA B 210 -16.40 6.56 40.76
C ALA B 210 -15.04 6.13 41.34
N ALA B 211 -15.08 5.26 42.37
CA ALA B 211 -13.92 4.90 43.17
C ALA B 211 -12.90 4.04 42.39
N ALA B 212 -13.30 2.87 41.88
CA ALA B 212 -12.42 1.95 41.15
C ALA B 212 -11.90 2.56 39.85
N GLU B 213 -12.75 3.37 39.18
CA GLU B 213 -12.36 4.22 38.06
C GLU B 213 -11.21 5.17 38.42
N THR B 214 -11.25 5.77 39.63
CA THR B 214 -10.21 6.67 40.12
C THR B 214 -8.94 5.87 40.47
N MET B 215 -9.09 4.74 41.17
CA MET B 215 -7.96 3.91 41.61
C MET B 215 -7.16 3.31 40.44
N THR B 216 -7.83 3.00 39.31
CA THR B 216 -7.18 2.49 38.11
C THR B 216 -6.62 3.60 37.21
N GLN B 217 -6.99 4.88 37.42
CA GLN B 217 -6.73 5.97 36.48
C GLN B 217 -5.24 6.16 36.15
N ASP B 218 -4.37 6.26 37.18
CA ASP B 218 -2.95 6.55 37.03
C ASP B 218 -2.18 5.56 36.12
N LYS B 219 -2.60 4.28 36.09
CA LYS B 219 -2.02 3.25 35.24
C LYS B 219 -2.80 3.08 33.93
N MET B 220 -4.15 3.04 34.03
CA MET B 220 -4.99 2.54 32.95
C MET B 220 -5.41 3.63 31.96
N ASN B 221 -5.46 4.92 32.34
CA ASN B 221 -5.62 5.99 31.36
C ASN B 221 -4.37 6.11 30.46
N PRO B 222 -3.13 6.18 30.97
CA PRO B 222 -1.93 6.19 30.13
C PRO B 222 -1.82 5.08 29.10
N ILE B 223 -2.12 3.82 29.47
CA ILE B 223 -2.16 2.75 28.48
C ILE B 223 -3.28 2.99 27.47
N LEU B 224 -4.48 3.42 27.86
CA LEU B 224 -5.53 3.69 26.89
C LEU B 224 -5.11 4.83 25.95
N ASP B 225 -4.45 5.86 26.49
CA ASP B 225 -3.83 6.91 25.69
C ASP B 225 -2.80 6.31 24.73
N ALA B 226 -1.94 5.41 25.19
CA ALA B 226 -0.96 4.77 24.32
C ALA B 226 -1.61 3.91 23.23
N ILE B 227 -2.70 3.20 23.54
CA ILE B 227 -3.42 2.40 22.55
C ILE B 227 -4.08 3.31 21.51
N LEU B 228 -4.69 4.41 21.97
CA LEU B 228 -5.30 5.40 21.10
C LEU B 228 -4.26 6.06 20.20
N GLU B 229 -3.12 6.44 20.77
CA GLU B 229 -2.01 7.05 20.04
C GLU B 229 -1.37 6.04 19.09
N SER B 230 -1.33 4.77 19.46
CA SER B 230 -1.04 3.67 18.53
C SER B 230 -2.09 3.55 17.43
N GLY B 231 -3.36 3.85 17.72
CA GLY B 231 -4.42 4.05 16.74
C GLY B 231 -4.11 5.21 15.78
N ILE B 232 -3.84 6.41 16.32
CA ILE B 232 -3.43 7.56 15.49
C ILE B 232 -2.26 7.18 14.61
N ASN B 233 -1.24 6.51 15.15
CA ASN B 233 -0.05 6.07 14.44
C ASN B 233 -0.40 5.04 13.36
N THR B 234 -1.27 4.06 13.65
CA THR B 234 -1.78 3.11 12.66
C THR B 234 -2.37 3.82 11.45
N ILE B 235 -3.13 4.92 11.68
CA ILE B 235 -3.62 5.77 10.59
C ILE B 235 -2.49 6.61 9.99
N GLN B 236 -1.67 7.26 10.81
CA GLN B 236 -0.67 8.24 10.40
C GLN B 236 0.40 7.60 9.54
N GLU B 237 0.75 6.35 9.81
CA GLU B 237 1.63 5.57 8.95
C GLU B 237 1.02 5.39 7.54
N SER B 238 -0.30 5.26 7.42
CA SER B 238 -0.99 5.25 6.12
C SER B 238 -1.04 6.63 5.47
N VAL B 239 -1.03 7.75 6.22
CA VAL B 239 -1.00 9.09 5.61
C VAL B 239 0.41 9.47 5.20
N TYR B 240 1.43 9.14 5.99
CA TYR B 240 2.82 9.21 5.54
C TYR B 240 2.97 8.39 4.27
N ASN B 241 2.38 7.18 4.25
CA ASN B 241 2.37 6.37 3.05
C ASN B 241 1.67 7.13 1.93
N LEU B 242 0.48 7.72 2.14
CA LEU B 242 -0.25 8.46 1.11
C LEU B 242 0.62 9.52 0.46
N ASP B 243 1.14 10.44 1.27
CA ASP B 243 1.85 11.62 0.79
C ASP B 243 3.30 11.32 0.41
N SER B 244 3.76 10.08 0.56
CA SER B 244 4.89 9.52 -0.18
C SER B 244 4.38 8.87 -1.48
N PRO B 245 4.52 9.52 -2.66
CA PRO B 245 4.08 8.95 -3.94
C PRO B 245 4.75 7.61 -4.29
N LEU B 246 5.80 7.22 -3.55
CA LEU B 246 6.36 5.87 -3.61
C LEU B 246 5.28 4.82 -3.33
N SER B 247 4.32 5.07 -2.44
CA SER B 247 3.17 4.20 -2.22
C SER B 247 2.19 4.35 -3.39
N TRP B 248 2.67 4.05 -4.61
CA TRP B 248 2.19 4.57 -5.89
C TRP B 248 0.89 3.90 -6.38
N SER B 249 0.52 4.25 -7.63
CA SER B 249 -0.69 3.81 -8.32
C SER B 249 -0.92 2.31 -8.12
N GLY B 250 -2.16 1.95 -7.76
CA GLY B 250 -2.45 0.68 -7.12
C GLY B 250 -3.89 0.22 -7.37
N PRO B 251 -4.61 -0.20 -6.30
CA PRO B 251 -5.94 -0.81 -6.41
C PRO B 251 -6.97 -0.21 -7.38
N LEU B 252 -7.28 -0.98 -8.43
CA LEU B 252 -8.49 -0.80 -9.23
C LEU B 252 -9.65 -1.49 -8.49
N THR B 253 -10.32 -0.76 -7.60
CA THR B 253 -11.42 -1.27 -6.77
C THR B 253 -12.70 -0.49 -7.02
N PRO B 254 -13.88 -1.14 -7.06
CA PRO B 254 -15.12 -0.51 -7.51
C PRO B 254 -15.80 0.32 -6.41
N PRO B 255 -16.66 1.29 -6.76
CA PRO B 255 -17.31 2.15 -5.78
C PRO B 255 -18.27 1.34 -4.92
N THR B 256 -18.84 0.27 -5.44
CA THR B 256 -19.79 -0.63 -4.76
C THR B 256 -19.15 -1.21 -3.49
N PHE B 257 -17.91 -1.65 -3.61
CA PHE B 257 -17.11 -2.17 -2.50
C PHE B 257 -16.78 -1.02 -1.58
N LEU B 258 -16.36 0.12 -2.12
CA LEU B 258 -15.86 1.24 -1.35
C LEU B 258 -16.96 1.90 -0.50
N LEU B 259 -18.23 1.79 -0.93
CA LEU B 259 -19.36 2.17 -0.12
C LEU B 259 -19.58 1.22 1.07
N SER B 260 -19.32 -0.09 0.92
CA SER B 260 -19.35 -0.99 2.06
C SER B 260 -18.21 -0.70 3.04
N LEU B 261 -17.08 -0.17 2.59
CA LEU B 261 -16.05 0.36 3.48
C LEU B 261 -16.54 1.64 4.16
N LEU B 262 -17.23 2.56 3.48
CA LEU B 262 -17.76 3.77 4.09
C LEU B 262 -18.78 3.44 5.19
N GLU B 263 -19.62 2.43 4.88
CA GLU B 263 -20.64 1.89 5.78
C GLU B 263 -20.03 1.16 6.99
N SER B 264 -19.18 0.17 6.75
CA SER B 264 -18.51 -0.55 7.81
C SER B 264 -17.58 0.36 8.62
N THR B 265 -17.02 1.42 8.04
CA THR B 265 -16.36 2.48 8.80
C THR B 265 -17.36 3.13 9.74
N SER B 266 -18.53 3.53 9.25
CA SER B 266 -19.58 4.18 10.06
C SER B 266 -20.07 3.28 11.19
N GLU B 267 -20.30 2.00 10.90
CA GLU B 267 -20.65 1.01 11.91
C GLU B 267 -19.52 0.82 12.92
N ASN B 268 -18.27 0.64 12.49
CA ASN B 268 -17.15 0.52 13.42
C ASN B 268 -16.93 1.80 14.25
N ALA B 269 -17.13 2.99 13.66
CA ALA B 269 -17.06 4.28 14.34
C ALA B 269 -18.16 4.40 15.40
N THR B 270 -19.37 3.93 15.06
CA THR B 270 -20.51 3.75 15.96
C THR B 270 -20.27 2.67 17.02
N GLU B 271 -19.56 1.59 16.71
CA GLU B 271 -19.14 0.58 17.68
C GLU B 271 -18.03 1.11 18.59
N PHE B 272 -17.10 1.93 18.10
CA PHE B 272 -16.12 2.65 18.92
C PHE B 272 -16.81 3.67 19.83
N ALA B 273 -17.79 4.42 19.30
CA ALA B 273 -18.66 5.26 20.11
C ALA B 273 -19.41 4.44 21.15
N THR B 274 -20.09 3.35 20.76
CA THR B 274 -20.92 2.51 21.64
C THR B 274 -20.09 1.90 22.76
N SER B 275 -19.00 1.25 22.41
CA SER B 275 -18.13 0.57 23.36
C SER B 275 -17.41 1.58 24.26
N PHE B 276 -17.04 2.75 23.77
CA PHE B 276 -16.52 3.80 24.66
C PHE B 276 -17.64 4.38 25.53
N ASN B 277 -18.89 4.48 25.07
CA ASN B 277 -20.04 4.88 25.90
C ASN B 277 -20.28 3.85 27.02
N ASN B 278 -20.22 2.55 26.70
CA ASN B 278 -20.29 1.49 27.70
C ASN B 278 -19.12 1.60 28.70
N LEU B 279 -17.90 1.88 28.24
CA LEU B 279 -16.74 2.09 29.09
C LEU B 279 -16.87 3.35 29.96
N ILE B 280 -17.47 4.42 29.43
CA ILE B 280 -17.82 5.64 30.16
C ILE B 280 -18.77 5.31 31.33
N VAL B 281 -19.64 4.31 31.19
CA VAL B 281 -20.54 3.89 32.26
C VAL B 281 -19.86 2.90 33.22
N ASP B 282 -19.06 1.93 32.72
CA ASP B 282 -18.38 0.94 33.56
C ASP B 282 -17.18 1.52 34.34
N GLY B 283 -16.69 2.71 33.93
CA GLY B 283 -15.55 3.37 34.53
C GLY B 283 -14.41 3.49 33.52
N LEU B 284 -14.01 4.73 33.19
CA LEU B 284 -13.34 5.13 31.94
C LEU B 284 -12.12 4.29 31.53
N ALA B 285 -11.40 3.68 32.48
CA ALA B 285 -10.34 2.74 32.14
C ALA B 285 -10.32 1.50 33.05
N HIS B 286 -11.27 1.42 34.01
CA HIS B 286 -11.41 0.32 34.95
C HIS B 286 -12.00 -0.92 34.28
N GLY B 287 -13.03 -0.72 33.45
CA GLY B 287 -13.72 -1.80 32.77
C GLY B 287 -12.83 -2.57 31.79
N ASP B 288 -13.32 -3.75 31.39
CA ASP B 288 -12.59 -4.63 30.47
C ASP B 288 -12.49 -3.96 29.10
N GLN B 289 -11.27 -3.50 28.80
CA GLN B 289 -11.04 -2.73 27.60
C GLN B 289 -10.94 -3.61 26.36
N THR B 290 -10.90 -4.94 26.46
CA THR B 290 -10.69 -5.82 25.29
C THR B 290 -11.67 -5.51 24.18
N GLU B 291 -12.95 -5.28 24.49
CA GLU B 291 -13.96 -4.86 23.52
C GLU B 291 -13.61 -3.53 22.86
N VAL B 292 -13.28 -2.49 23.63
CA VAL B 292 -12.89 -1.20 23.06
C VAL B 292 -11.61 -1.32 22.24
N ILE B 293 -10.67 -2.17 22.64
CA ILE B 293 -9.37 -2.34 21.98
C ILE B 293 -9.48 -3.16 20.71
N HIS B 294 -10.41 -4.12 20.67
CA HIS B 294 -10.86 -4.70 19.43
C HIS B 294 -11.53 -3.64 18.58
N CYS B 295 -12.49 -2.86 19.09
CA CYS B 295 -13.23 -1.91 18.26
C CYS B 295 -12.36 -0.77 17.73
N VAL B 296 -11.47 -0.22 18.56
CA VAL B 296 -10.40 0.68 18.15
C VAL B 296 -9.56 -0.01 17.09
N SER B 297 -9.08 -1.23 17.31
CA SER B 297 -8.23 -1.95 16.36
C SER B 297 -8.92 -2.27 15.03
N ASP B 298 -10.22 -2.51 15.04
CA ASP B 298 -11.05 -2.75 13.87
C ASP B 298 -11.43 -1.46 13.15
N PHE B 299 -11.83 -0.41 13.86
CA PHE B 299 -12.05 0.92 13.29
C PHE B 299 -10.77 1.48 12.69
N SER B 300 -9.64 1.31 13.37
CA SER B 300 -8.33 1.82 12.97
C SER B 300 -7.80 1.08 11.76
N THR B 301 -7.96 -0.24 11.72
CA THR B 301 -7.58 -1.07 10.56
C THR B 301 -8.52 -0.88 9.36
N SER B 302 -9.83 -0.70 9.57
CA SER B 302 -10.82 -0.42 8.51
C SER B 302 -10.78 1.00 7.97
N MET B 303 -10.62 2.01 8.83
CA MET B 303 -10.27 3.38 8.45
C MET B 303 -8.93 3.46 7.72
N ALA B 304 -7.86 2.90 8.27
CA ALA B 304 -6.59 2.86 7.57
C ALA B 304 -6.69 2.13 6.22
N THR B 305 -7.51 1.09 6.11
CA THR B 305 -7.78 0.44 4.83
C THR B 305 -8.60 1.31 3.89
N LEU B 306 -9.57 2.07 4.39
CA LEU B 306 -10.33 3.05 3.60
C LEU B 306 -9.41 4.14 3.05
N VAL B 307 -8.59 4.78 3.91
CA VAL B 307 -7.66 5.87 3.56
C VAL B 307 -6.67 5.42 2.50
N THR B 308 -6.11 4.22 2.67
CA THR B 308 -5.31 3.58 1.64
C THR B 308 -6.09 3.45 0.34
N ASN B 309 -7.24 2.73 0.37
CA ASN B 309 -7.99 2.35 -0.83
C ASN B 309 -8.57 3.54 -1.59
N SER B 310 -9.08 4.54 -0.88
CA SER B 310 -9.70 5.70 -1.50
C SER B 310 -8.65 6.60 -2.15
N LYS B 311 -7.40 6.64 -1.65
CA LYS B 311 -6.36 7.33 -2.40
C LYS B 311 -6.09 6.58 -3.70
N ALA B 312 -5.89 5.26 -3.58
CA ALA B 312 -5.60 4.44 -4.74
C ALA B 312 -6.67 4.64 -5.82
N TYR B 313 -7.93 4.54 -5.41
CA TYR B 313 -9.10 4.65 -6.28
C TYR B 313 -9.18 6.01 -6.94
N ALA B 314 -9.02 7.09 -6.16
CA ALA B 314 -9.13 8.43 -6.69
C ALA B 314 -8.08 8.66 -7.79
N VAL B 315 -6.80 8.43 -7.48
CA VAL B 315 -5.69 8.75 -8.37
C VAL B 315 -5.72 7.89 -9.63
N THR B 316 -6.19 6.63 -9.53
CA THR B 316 -6.25 5.74 -10.69
C THR B 316 -7.43 6.06 -11.61
N THR B 317 -8.53 6.66 -11.12
CA THR B 317 -9.78 6.72 -11.87
C THR B 317 -10.09 8.10 -12.46
N LEU B 318 -10.00 9.17 -11.65
CA LEU B 318 -10.71 10.41 -11.93
C LEU B 318 -9.83 11.46 -12.65
N PRO B 319 -10.43 12.50 -13.28
CA PRO B 319 -9.68 13.64 -13.81
C PRO B 319 -9.10 14.52 -12.71
N GLN B 320 -8.26 15.50 -13.08
CA GLN B 320 -7.43 16.24 -12.15
C GLN B 320 -8.27 16.88 -11.03
N GLU B 321 -9.22 17.78 -11.37
CA GLU B 321 -10.00 18.48 -10.36
C GLU B 321 -10.72 17.50 -9.42
N GLN B 322 -11.29 16.42 -9.99
CA GLN B 322 -12.13 15.49 -9.24
C GLN B 322 -11.31 14.59 -8.33
N SER B 323 -10.14 14.10 -8.78
CA SER B 323 -9.23 13.36 -7.91
C SER B 323 -8.69 14.26 -6.79
N ASP B 324 -8.29 15.49 -7.13
CA ASP B 324 -7.79 16.46 -6.16
C ASP B 324 -8.83 16.72 -5.07
N GLN B 325 -10.08 16.89 -5.53
CA GLN B 325 -11.26 17.11 -4.70
C GLN B 325 -11.48 15.95 -3.71
N ILE B 326 -11.46 14.70 -4.18
CA ILE B 326 -11.76 13.56 -3.31
C ILE B 326 -10.66 13.41 -2.24
N LEU B 327 -9.38 13.46 -2.64
CA LEU B 327 -8.25 13.28 -1.73
C LEU B 327 -8.26 14.31 -0.60
N THR B 328 -8.63 15.56 -0.94
CA THR B 328 -8.77 16.65 0.03
C THR B 328 -9.71 16.26 1.15
N LEU B 329 -10.81 15.59 0.81
CA LEU B 329 -11.84 15.21 1.77
C LEU B 329 -11.52 13.90 2.48
N VAL B 330 -10.89 12.93 1.81
CA VAL B 330 -10.34 11.74 2.49
C VAL B 330 -9.34 12.16 3.58
N LYS B 331 -8.48 13.13 3.28
CA LYS B 331 -7.60 13.74 4.28
C LYS B 331 -8.37 14.36 5.41
N ARG B 332 -9.39 15.19 5.14
CA ARG B 332 -10.22 15.78 6.21
C ARG B 332 -10.87 14.72 7.06
N CYS B 333 -11.36 13.63 6.47
CA CYS B 333 -11.94 12.52 7.19
C CYS B 333 -10.91 11.79 8.06
N ALA B 334 -9.72 11.48 7.50
CA ALA B 334 -8.61 10.89 8.23
C ALA B 334 -8.16 11.75 9.39
N ARG B 335 -7.96 13.06 9.19
CA ARG B 335 -7.70 14.02 10.26
C ARG B 335 -8.82 14.08 11.28
N GLU B 336 -10.08 14.10 10.87
CA GLU B 336 -11.19 14.11 11.80
C GLU B 336 -11.20 12.83 12.64
N ALA B 337 -10.85 11.69 12.07
CA ALA B 337 -10.68 10.48 12.85
C ALA B 337 -9.50 10.61 13.81
N GLN B 338 -8.38 11.20 13.39
CA GLN B 338 -7.29 11.54 14.31
C GLN B 338 -7.82 12.45 15.43
N TYR B 339 -8.57 13.52 15.12
CA TYR B 339 -9.22 14.36 16.12
C TYR B 339 -10.13 13.57 17.05
N PHE B 340 -10.80 12.50 16.57
CA PHE B 340 -11.64 11.65 17.40
C PHE B 340 -10.81 10.96 18.48
N PHE B 341 -9.77 10.19 18.11
CA PHE B 341 -8.94 9.56 19.15
C PHE B 341 -8.19 10.64 19.94
N GLU B 342 -7.74 11.73 19.30
CA GLU B 342 -7.06 12.84 19.95
C GLU B 342 -7.92 13.50 21.03
N ASP B 343 -9.21 13.69 20.78
CA ASP B 343 -10.19 14.19 21.75
C ASP B 343 -10.50 13.20 22.86
N LEU B 344 -10.21 11.91 22.63
CA LEU B 344 -10.19 10.90 23.67
C LEU B 344 -8.80 10.69 24.30
N MET B 345 -7.73 11.37 23.84
CA MET B 345 -6.46 11.38 24.59
C MET B 345 -6.77 12.04 25.91
N SER B 346 -6.63 11.31 27.01
CA SER B 346 -7.44 11.56 28.20
C SER B 346 -7.18 12.91 28.89
N GLU B 347 -6.16 13.67 28.49
CA GLU B 347 -5.98 15.09 28.84
C GLU B 347 -7.22 15.95 28.53
N ASN B 348 -7.91 15.71 27.41
CA ASN B 348 -9.17 16.38 27.08
C ASN B 348 -10.32 15.91 27.98
N LEU B 349 -10.41 14.61 28.22
CA LEU B 349 -11.41 14.02 29.09
C LEU B 349 -11.13 14.27 30.60
N ASN B 350 -9.97 14.83 30.96
CA ASN B 350 -9.71 15.30 32.33
C ASN B 350 -10.40 16.63 32.65
N GLN B 351 -10.89 17.37 31.65
CA GLN B 351 -11.53 18.67 31.83
C GLN B 351 -13.01 18.72 31.37
N VAL B 352 -13.44 17.94 30.37
CA VAL B 352 -14.84 17.87 29.97
C VAL B 352 -15.67 17.15 31.05
N GLY B 353 -16.91 17.61 31.26
CA GLY B 353 -17.81 17.06 32.27
C GLY B 353 -18.16 15.59 32.02
N ASP B 354 -18.55 14.89 33.09
CA ASP B 354 -18.41 13.44 33.21
C ASP B 354 -19.13 12.67 32.09
N GLU B 355 -20.46 12.86 31.96
CA GLU B 355 -21.22 12.26 30.87
C GLU B 355 -21.06 13.05 29.57
N GLU B 356 -20.74 14.35 29.68
CA GLU B 356 -20.75 15.31 28.58
C GLU B 356 -19.72 14.95 27.50
N LYS B 357 -18.71 14.14 27.85
CA LYS B 357 -17.77 13.54 26.90
C LYS B 357 -18.53 12.89 25.76
N THR B 358 -19.70 12.32 26.03
CA THR B 358 -20.53 11.67 25.02
C THR B 358 -21.03 12.66 23.98
N ASP B 359 -21.14 13.96 24.32
CA ASP B 359 -21.47 14.99 23.36
C ASP B 359 -20.26 15.27 22.46
N ILE B 360 -19.03 15.29 23.00
CA ILE B 360 -17.81 15.35 22.15
C ILE B 360 -17.78 14.14 21.23
N VAL B 361 -18.05 12.95 21.75
CA VAL B 361 -18.14 11.72 20.95
C VAL B 361 -19.19 11.87 19.87
N ILE B 362 -20.42 12.28 20.19
CA ILE B 362 -21.50 12.32 19.22
C ILE B 362 -21.33 13.48 18.25
N ASN B 363 -20.76 14.61 18.67
CA ASN B 363 -20.46 15.72 17.76
C ASN B 363 -19.30 15.36 16.84
N ALA B 364 -18.24 14.74 17.36
CA ALA B 364 -17.14 14.25 16.54
C ALA B 364 -17.63 13.17 15.58
N ASN B 365 -18.51 12.28 16.06
CA ASN B 365 -19.19 11.31 15.23
C ASN B 365 -19.97 12.02 14.13
N VAL B 366 -20.90 12.93 14.43
CA VAL B 366 -21.77 13.53 13.44
C VAL B 366 -20.97 14.37 12.43
N ASP B 367 -19.96 15.11 12.86
CA ASP B 367 -19.09 15.84 11.94
C ASP B 367 -18.27 14.89 11.06
N MET B 368 -17.70 13.81 11.62
CA MET B 368 -17.11 12.76 10.81
C MET B 368 -18.12 12.21 9.84
N GLN B 369 -19.32 11.88 10.30
CA GLN B 369 -20.38 11.32 9.48
C GLN B 369 -20.82 12.33 8.42
N GLU B 370 -20.78 13.64 8.68
CA GLU B 370 -20.96 14.66 7.65
C GLU B 370 -19.86 14.55 6.59
N LYS B 371 -18.60 14.37 7.00
CA LYS B 371 -17.49 14.20 6.07
C LYS B 371 -17.62 12.89 5.33
N LEU B 372 -18.05 11.81 5.98
CA LEU B 372 -18.33 10.53 5.35
C LEU B 372 -19.54 10.61 4.43
N GLN B 373 -20.56 11.38 4.78
CA GLN B 373 -21.74 11.56 3.93
C GLN B 373 -21.39 12.41 2.72
N GLU B 374 -20.66 13.53 2.93
CA GLU B 374 -20.19 14.38 1.85
C GLU B 374 -19.18 13.63 0.97
N LEU B 375 -18.36 12.77 1.58
CA LEU B 375 -17.53 11.84 0.84
C LEU B 375 -18.39 10.81 0.09
N SER B 376 -19.46 10.30 0.72
CA SER B 376 -20.35 9.33 0.11
C SER B 376 -21.00 9.96 -1.13
N LEU B 377 -21.57 11.17 -0.96
CA LEU B 377 -22.12 11.99 -2.02
C LEU B 377 -21.09 12.40 -3.07
N ALA B 378 -19.78 12.22 -2.80
CA ALA B 378 -18.75 12.40 -3.81
C ALA B 378 -18.48 11.09 -4.58
N ILE B 379 -18.88 9.93 -4.03
CA ILE B 379 -18.72 8.62 -4.67
C ILE B 379 -20.03 8.11 -5.30
N GLU B 380 -21.19 8.44 -4.72
CA GLU B 380 -22.48 7.94 -5.19
C GLU B 380 -22.75 8.33 -6.66
N PRO B 381 -22.46 9.58 -7.11
CA PRO B 381 -22.51 9.92 -8.54
C PRO B 381 -21.72 9.03 -9.50
N LEU B 382 -20.89 8.10 -9.01
CA LEU B 382 -20.07 7.21 -9.83
C LEU B 382 -20.78 5.87 -10.16
N LEU B 383 -21.87 5.54 -9.48
CA LEU B 383 -22.59 4.25 -9.59
C LEU B 383 -23.19 3.99 -10.98
N ASN B 384 -23.64 2.76 -11.25
CA ASN B 384 -23.95 2.25 -12.60
C ASN B 384 -25.36 1.63 -12.72
N ILE B 385 -25.92 1.67 -13.93
CA ILE B 385 -27.32 1.34 -14.29
C ILE B 385 -27.76 -0.07 -13.85
N GLN B 386 -26.87 -1.06 -13.82
CA GLN B 386 -27.20 -2.45 -13.50
C GLN B 386 -27.82 -2.64 -12.10
N SER B 387 -27.60 -1.72 -11.15
CA SER B 387 -28.33 -1.70 -9.87
C SER B 387 -28.97 -0.34 -9.57
N VAL B 388 -28.55 0.76 -10.23
CA VAL B 388 -29.22 2.06 -10.13
C VAL B 388 -30.68 1.98 -10.56
N LYS B 389 -31.05 1.05 -11.47
CA LYS B 389 -32.46 0.79 -11.82
C LYS B 389 -33.26 0.13 -10.69
N SER B 390 -32.75 -0.93 -10.04
CA SER B 390 -33.48 -1.57 -8.94
C SER B 390 -32.60 -2.44 -8.02
N ASN B 391 -33.01 -2.51 -6.73
CA ASN B 391 -32.69 -3.62 -5.83
C ASN B 391 -33.81 -4.68 -5.91
N LYS B 392 -33.50 -5.94 -5.53
CA LYS B 392 -34.45 -7.05 -5.54
C LYS B 392 -34.26 -8.01 -4.36
N GLU B 393 -35.28 -8.85 -4.12
CA GLU B 393 -35.34 -9.78 -3.01
C GLU B 393 -34.64 -11.12 -3.30
N THR B 394 -33.94 -11.24 -4.43
CA THR B 394 -33.47 -12.54 -4.95
C THR B 394 -32.29 -13.10 -4.16
N ASN B 395 -31.50 -12.22 -3.53
CA ASN B 395 -30.36 -12.56 -2.67
C ASN B 395 -29.16 -13.21 -3.38
N PRO B 396 -27.90 -12.97 -2.91
CA PRO B 396 -26.71 -13.59 -3.48
C PRO B 396 -26.55 -15.09 -3.22
N HIS B 397 -27.02 -15.61 -2.08
CA HIS B 397 -26.93 -17.05 -1.80
C HIS B 397 -27.46 -17.87 -2.99
N SER B 398 -28.68 -17.57 -3.43
CA SER B 398 -29.29 -18.28 -4.55
C SER B 398 -28.52 -18.05 -5.87
N GLU B 399 -27.90 -16.87 -6.07
CA GLU B 399 -27.07 -16.61 -7.24
C GLU B 399 -25.81 -17.49 -7.23
N LEU B 400 -25.19 -17.74 -6.07
CA LEU B 400 -24.09 -18.69 -5.98
C LEU B 400 -24.58 -20.10 -6.31
N VAL B 401 -25.69 -20.52 -5.70
CA VAL B 401 -26.23 -21.86 -5.92
C VAL B 401 -26.56 -22.07 -7.39
N ALA B 402 -27.15 -21.05 -8.04
CA ALA B 402 -27.40 -21.06 -9.47
C ALA B 402 -26.10 -21.04 -10.29
N THR B 403 -25.09 -20.29 -9.83
CA THR B 403 -23.82 -20.18 -10.54
C THR B 403 -23.17 -21.55 -10.71
N ALA B 404 -23.20 -22.38 -9.66
CA ALA B 404 -22.69 -23.74 -9.75
C ALA B 404 -23.29 -24.49 -10.95
N ASP B 405 -24.62 -24.49 -11.08
CA ASP B 405 -25.30 -25.16 -12.17
C ASP B 405 -25.04 -24.51 -13.54
N LYS B 406 -24.98 -23.18 -13.62
CA LYS B 406 -24.67 -22.48 -14.88
C LYS B 406 -23.33 -22.96 -15.44
N ILE B 407 -22.34 -23.11 -14.56
CA ILE B 407 -21.01 -23.58 -14.92
C ILE B 407 -21.03 -25.07 -15.25
N VAL B 408 -21.59 -25.92 -14.37
CA VAL B 408 -21.60 -27.37 -14.57
C VAL B 408 -22.36 -27.78 -15.83
N LYS B 409 -23.55 -27.20 -16.10
CA LYS B 409 -24.33 -27.46 -17.32
C LYS B 409 -23.63 -26.97 -18.60
N SER B 410 -22.84 -25.89 -18.52
CA SER B 410 -22.01 -25.43 -19.64
C SER B 410 -20.78 -26.33 -19.87
N SER B 411 -20.19 -26.85 -18.80
CA SER B 411 -18.94 -27.63 -18.84
C SER B 411 -19.12 -29.15 -18.93
N GLU B 412 -20.34 -29.69 -18.83
CA GLU B 412 -20.66 -31.09 -19.14
C GLU B 412 -20.15 -31.48 -20.53
N HIS B 413 -20.17 -30.56 -21.48
CA HIS B 413 -19.67 -30.75 -22.84
C HIS B 413 -18.17 -31.11 -22.91
N LEU B 414 -17.34 -30.46 -22.10
CA LEU B 414 -15.90 -30.35 -22.39
C LEU B 414 -15.12 -31.66 -22.16
N ARG B 415 -15.59 -32.55 -21.28
CA ARG B 415 -14.83 -33.73 -20.82
C ARG B 415 -14.97 -34.87 -21.83
N VAL B 416 -13.87 -35.19 -22.51
CA VAL B 416 -13.82 -36.09 -23.69
C VAL B 416 -12.72 -37.16 -23.56
N ASP B 417 -12.82 -38.22 -24.34
CA ASP B 417 -12.07 -39.47 -24.14
C ASP B 417 -10.54 -39.33 -24.20
N VAL B 418 -10.01 -38.32 -24.89
CA VAL B 418 -8.57 -38.00 -24.91
C VAL B 418 -8.36 -36.49 -24.71
N PRO B 419 -7.66 -36.05 -23.64
CA PRO B 419 -7.39 -34.65 -23.37
C PRO B 419 -6.18 -34.15 -24.16
N LYS B 420 -5.91 -32.85 -24.05
CA LYS B 420 -4.72 -32.18 -24.57
C LYS B 420 -4.03 -31.38 -23.45
N PRO B 421 -2.72 -31.11 -23.52
CA PRO B 421 -1.98 -30.41 -22.47
C PRO B 421 -2.62 -29.08 -22.06
N LEU B 422 -2.75 -28.12 -23.00
CA LEU B 422 -3.26 -26.78 -22.71
C LEU B 422 -4.69 -26.79 -22.16
N LEU B 423 -5.52 -27.68 -22.71
CA LEU B 423 -6.89 -27.88 -22.27
C LEU B 423 -6.96 -28.44 -20.84
N SER B 424 -6.12 -29.41 -20.48
CA SER B 424 -6.16 -30.00 -19.14
C SER B 424 -5.94 -28.96 -18.03
N LEU B 425 -5.02 -28.00 -18.23
CA LEU B 425 -4.80 -26.90 -17.31
C LEU B 425 -6.06 -26.04 -17.15
N ALA B 426 -6.77 -25.77 -18.25
CA ALA B 426 -8.02 -25.05 -18.21
C ALA B 426 -9.08 -25.83 -17.43
N LEU B 427 -9.13 -27.16 -17.56
CA LEU B 427 -10.03 -27.97 -16.73
C LEU B 427 -9.63 -27.93 -15.24
N MET B 428 -8.33 -27.92 -14.91
CA MET B 428 -7.88 -27.74 -13.54
C MET B 428 -8.33 -26.39 -12.98
N ILE B 429 -8.30 -25.31 -13.77
CA ILE B 429 -8.87 -24.03 -13.34
C ILE B 429 -10.35 -24.19 -13.06
N ILE B 430 -11.14 -24.62 -14.05
CA ILE B 430 -12.60 -24.67 -13.98
C ILE B 430 -13.05 -25.54 -12.82
N ASP B 431 -12.43 -26.70 -12.64
CA ASP B 431 -12.69 -27.60 -11.52
C ASP B 431 -12.36 -26.96 -10.15
N ALA B 432 -11.30 -26.16 -10.09
CA ALA B 432 -10.94 -25.42 -8.87
C ALA B 432 -11.90 -24.27 -8.63
N VAL B 433 -12.32 -23.57 -9.68
CA VAL B 433 -13.26 -22.46 -9.64
C VAL B 433 -14.62 -22.91 -9.11
N VAL B 434 -15.13 -24.07 -9.55
CA VAL B 434 -16.39 -24.62 -9.03
C VAL B 434 -16.24 -25.04 -7.57
N ALA B 435 -15.11 -25.63 -7.19
CA ALA B 435 -14.81 -25.94 -5.81
C ALA B 435 -14.79 -24.69 -4.93
N LEU B 436 -14.17 -23.61 -5.44
CA LEU B 436 -14.15 -22.26 -4.87
C LEU B 436 -15.57 -21.72 -4.72
N VAL B 437 -16.40 -21.75 -5.76
CA VAL B 437 -17.80 -21.31 -5.67
C VAL B 437 -18.58 -22.15 -4.65
N LYS B 438 -18.36 -23.46 -4.58
CA LYS B 438 -18.99 -24.30 -3.56
C LYS B 438 -18.49 -23.98 -2.15
N ALA B 439 -17.22 -23.59 -2.00
CA ALA B 439 -16.74 -23.03 -0.74
C ALA B 439 -17.49 -21.73 -0.43
N ALA B 440 -17.65 -20.84 -1.42
CA ALA B 440 -18.34 -19.58 -1.26
C ALA B 440 -19.81 -19.75 -0.85
N ILE B 441 -20.43 -20.90 -1.20
CA ILE B 441 -21.77 -21.26 -0.75
C ILE B 441 -21.77 -21.54 0.76
N GLN B 442 -20.73 -22.23 1.24
CA GLN B 442 -20.59 -22.50 2.68
C GLN B 442 -20.21 -21.25 3.48
N CYS B 443 -19.51 -20.29 2.85
CA CYS B 443 -19.12 -19.05 3.49
C CYS B 443 -20.33 -18.31 4.09
N GLN B 444 -21.42 -18.16 3.32
CA GLN B 444 -22.61 -17.44 3.78
C GLN B 444 -23.35 -18.22 4.85
N ASN B 445 -23.39 -19.56 4.78
CA ASN B 445 -23.93 -20.34 5.88
C ASN B 445 -23.12 -20.12 7.18
N GLU B 446 -21.80 -20.02 7.09
CA GLU B 446 -20.99 -19.68 8.27
C GLU B 446 -21.30 -18.28 8.82
N ILE B 447 -21.55 -17.28 7.95
CA ILE B 447 -22.04 -15.97 8.41
C ILE B 447 -23.43 -16.13 9.05
N ALA B 448 -24.37 -16.75 8.34
CA ALA B 448 -25.78 -16.86 8.73
C ALA B 448 -25.99 -17.69 10.01
N THR B 449 -25.03 -18.57 10.36
CA THR B 449 -25.04 -19.32 11.62
C THR B 449 -24.25 -18.61 12.73
N THR B 450 -23.32 -17.70 12.37
CA THR B 450 -22.68 -16.80 13.34
C THR B 450 -23.70 -15.76 13.84
N THR B 451 -24.49 -15.20 12.91
CA THR B 451 -25.61 -14.31 13.22
C THR B 451 -26.79 -15.08 13.80
N SER B 452 -27.57 -14.43 14.68
CA SER B 452 -28.79 -15.02 15.24
C SER B 452 -30.01 -14.83 14.33
N ILE B 453 -30.00 -13.77 13.51
CA ILE B 453 -31.15 -13.32 12.72
C ILE B 453 -31.26 -14.04 11.36
N PRO B 454 -32.47 -14.15 10.77
CA PRO B 454 -32.66 -14.73 9.43
C PRO B 454 -31.88 -14.06 8.31
N LEU B 455 -31.66 -14.79 7.22
CA LEU B 455 -31.00 -14.25 6.03
C LEU B 455 -31.73 -12.99 5.51
N ASN B 456 -33.07 -12.99 5.48
CA ASN B 456 -33.81 -11.84 5.01
C ASN B 456 -33.65 -10.62 5.93
N GLN B 457 -33.68 -10.81 7.26
CA GLN B 457 -33.48 -9.74 8.23
C GLN B 457 -32.04 -9.22 8.23
N PHE B 458 -31.08 -10.04 7.78
CA PHE B 458 -29.69 -9.65 7.59
C PHE B 458 -29.51 -8.88 6.28
N TYR B 459 -29.88 -9.51 5.14
CA TYR B 459 -29.74 -8.90 3.82
C TYR B 459 -30.47 -7.56 3.68
N LEU B 460 -31.60 -7.34 4.37
CA LEU B 460 -32.41 -6.16 4.09
C LEU B 460 -31.74 -4.85 4.57
N LYS B 461 -30.73 -4.95 5.47
CA LYS B 461 -29.98 -3.80 5.94
C LYS B 461 -28.76 -3.48 5.04
N ASN B 462 -27.90 -4.48 4.83
CA ASN B 462 -26.57 -4.26 4.29
C ASN B 462 -26.57 -4.22 2.75
N SER B 463 -27.28 -3.25 2.17
CA SER B 463 -27.57 -3.27 0.74
C SER B 463 -26.31 -3.06 -0.10
N ARG B 464 -25.38 -2.25 0.44
CA ARG B 464 -24.17 -1.90 -0.28
C ARG B 464 -23.21 -3.09 -0.31
N TRP B 465 -23.09 -3.82 0.82
CA TRP B 465 -22.35 -5.07 0.83
C TRP B 465 -23.02 -6.07 -0.10
N THR B 466 -24.37 -6.17 -0.01
CA THR B 466 -25.14 -7.15 -0.76
C THR B 466 -24.86 -7.03 -2.25
N GLU B 467 -24.92 -5.79 -2.79
CA GLU B 467 -24.60 -5.52 -4.21
C GLU B 467 -23.13 -5.81 -4.52
N GLY B 468 -22.22 -5.60 -3.55
CA GLY B 468 -20.82 -5.97 -3.70
C GLY B 468 -20.65 -7.47 -3.91
N LEU B 469 -21.30 -8.27 -3.06
CA LEU B 469 -21.24 -9.72 -3.14
C LEU B 469 -21.95 -10.26 -4.39
N ILE B 470 -23.12 -9.73 -4.76
CA ILE B 470 -23.79 -10.15 -6.01
C ILE B 470 -22.94 -9.78 -7.23
N SER B 471 -22.46 -8.53 -7.32
CA SER B 471 -21.67 -8.12 -8.47
C SER B 471 -20.37 -8.93 -8.55
N ALA B 472 -19.79 -9.30 -7.40
CA ALA B 472 -18.67 -10.23 -7.35
C ALA B 472 -19.08 -11.61 -7.88
N ALA B 473 -20.18 -12.20 -7.41
CA ALA B 473 -20.66 -13.50 -7.89
C ALA B 473 -20.92 -13.49 -9.40
N LYS B 474 -21.54 -12.42 -9.93
CA LYS B 474 -21.74 -12.22 -11.36
C LYS B 474 -20.43 -12.00 -12.12
N ALA B 475 -19.42 -11.41 -11.49
CA ALA B 475 -18.09 -11.31 -12.06
C ALA B 475 -17.40 -12.67 -12.14
N VAL B 476 -17.53 -13.55 -11.12
CA VAL B 476 -16.95 -14.91 -11.18
C VAL B 476 -17.70 -15.81 -12.18
N ALA B 477 -19.03 -15.74 -12.24
CA ALA B 477 -19.80 -16.37 -13.31
C ALA B 477 -19.39 -15.85 -14.70
N GLY B 478 -19.40 -14.54 -14.90
CA GLY B 478 -19.04 -13.92 -16.17
C GLY B 478 -17.59 -14.18 -16.60
N ALA B 479 -16.65 -14.11 -15.65
CA ALA B 479 -15.24 -14.41 -15.87
C ALA B 479 -15.06 -15.86 -16.34
N THR B 480 -15.62 -16.80 -15.57
CA THR B 480 -15.54 -18.22 -15.89
C THR B 480 -16.26 -18.51 -17.19
N ASN B 481 -17.38 -17.85 -17.49
CA ASN B 481 -18.06 -18.00 -18.77
C ASN B 481 -17.22 -17.52 -19.96
N VAL B 482 -16.38 -16.49 -19.84
CA VAL B 482 -15.44 -16.15 -20.91
C VAL B 482 -14.28 -17.18 -20.98
N LEU B 483 -13.86 -17.76 -19.85
CA LEU B 483 -12.89 -18.87 -19.89
C LEU B 483 -13.49 -20.13 -20.55
N ILE B 484 -14.67 -20.56 -20.12
CA ILE B 484 -15.46 -21.64 -20.71
C ILE B 484 -15.79 -21.36 -22.17
N THR B 485 -16.05 -20.11 -22.57
CA THR B 485 -16.24 -19.76 -23.99
C THR B 485 -14.96 -19.94 -24.78
N THR B 486 -13.80 -19.78 -24.15
CA THR B 486 -12.52 -20.00 -24.83
C THR B 486 -12.21 -21.51 -24.91
N ALA B 487 -12.46 -22.30 -23.87
CA ALA B 487 -12.43 -23.76 -23.93
C ALA B 487 -13.47 -24.30 -24.93
N SER B 488 -14.62 -23.63 -25.08
CA SER B 488 -15.60 -23.90 -26.13
C SER B 488 -15.09 -23.60 -27.53
N LYS B 489 -13.94 -22.98 -27.74
CA LYS B 489 -13.18 -23.11 -29.02
C LYS B 489 -12.87 -24.58 -29.37
N LEU B 490 -13.01 -25.53 -28.44
CA LEU B 490 -13.14 -26.98 -28.72
C LEU B 490 -14.43 -27.37 -29.48
N ILE B 491 -15.56 -26.66 -29.29
CA ILE B 491 -16.87 -27.03 -29.85
C ILE B 491 -16.81 -27.11 -31.37
N THR B 492 -16.13 -26.17 -32.01
CA THR B 492 -16.11 -26.10 -33.47
C THR B 492 -15.35 -27.29 -34.06
N SER B 493 -14.27 -27.74 -33.41
CA SER B 493 -13.30 -28.60 -34.06
C SER B 493 -12.32 -29.31 -33.11
N GLU B 494 -11.80 -30.44 -33.58
CA GLU B 494 -10.55 -31.08 -33.11
C GLU B 494 -9.30 -30.33 -33.64
N ASP B 495 -9.33 -29.90 -34.91
CA ASP B 495 -8.31 -29.11 -35.59
C ASP B 495 -8.35 -27.63 -35.20
N ASN B 496 -7.20 -26.96 -35.23
CA ASN B 496 -7.04 -25.55 -34.87
C ASN B 496 -7.59 -24.61 -35.97
N GLU B 497 -8.90 -24.39 -35.99
CA GLU B 497 -9.58 -23.46 -36.92
C GLU B 497 -9.11 -22.01 -36.71
N ASN B 498 -9.25 -21.50 -35.49
CA ASN B 498 -8.54 -20.30 -35.00
C ASN B 498 -8.38 -20.34 -33.47
N THR B 499 -7.26 -19.84 -32.97
CA THR B 499 -6.91 -19.69 -31.54
C THR B 499 -5.94 -18.52 -31.37
N SER B 500 -5.83 -17.97 -30.15
CA SER B 500 -4.72 -17.07 -29.79
C SER B 500 -4.37 -17.16 -28.28
N PRO B 501 -3.09 -17.05 -27.91
CA PRO B 501 -2.65 -17.21 -26.54
C PRO B 501 -2.98 -16.06 -25.60
N GLU B 502 -2.85 -14.81 -26.06
CA GLU B 502 -3.03 -13.65 -25.17
C GLU B 502 -4.44 -13.62 -24.61
N GLN B 503 -5.42 -14.11 -25.36
CA GLN B 503 -6.79 -14.24 -24.91
C GLN B 503 -6.88 -15.07 -23.62
N PHE B 504 -6.12 -16.17 -23.52
CA PHE B 504 -6.02 -16.96 -22.30
C PHE B 504 -5.28 -16.22 -21.21
N ILE B 505 -4.23 -15.46 -21.53
CA ILE B 505 -3.51 -14.77 -20.47
C ILE B 505 -4.42 -13.68 -19.86
N VAL B 506 -5.11 -12.90 -20.70
CA VAL B 506 -6.12 -11.95 -20.27
C VAL B 506 -7.15 -12.65 -19.40
N ALA B 507 -7.74 -13.74 -19.91
CA ALA B 507 -8.87 -14.42 -19.29
C ALA B 507 -8.53 -15.13 -17.96
N SER B 508 -7.37 -15.76 -17.91
CA SER B 508 -6.82 -16.37 -16.70
C SER B 508 -6.51 -15.32 -15.65
N LYS B 509 -5.93 -14.17 -16.02
CA LYS B 509 -5.77 -13.03 -15.11
C LYS B 509 -7.10 -12.41 -14.71
N GLU B 510 -8.12 -12.39 -15.57
CA GLU B 510 -9.47 -11.95 -15.23
C GLU B 510 -10.20 -12.89 -14.26
N VAL B 511 -10.11 -14.21 -14.41
CA VAL B 511 -10.59 -15.14 -13.36
C VAL B 511 -9.75 -14.97 -12.09
N ALA B 512 -8.44 -14.86 -12.19
CA ALA B 512 -7.57 -14.69 -11.04
C ALA B 512 -7.83 -13.38 -10.27
N ALA B 513 -8.15 -12.27 -10.95
CA ALA B 513 -8.48 -11.00 -10.31
C ALA B 513 -9.88 -10.99 -9.68
N SER B 514 -10.90 -11.39 -10.45
CA SER B 514 -12.28 -11.45 -9.97
C SER B 514 -12.49 -12.47 -8.85
N THR B 515 -11.82 -13.61 -8.87
CA THR B 515 -11.83 -14.55 -7.73
C THR B 515 -11.23 -13.99 -6.45
N ILE B 516 -10.24 -13.10 -6.54
CA ILE B 516 -9.71 -12.41 -5.36
C ILE B 516 -10.71 -11.38 -4.84
N GLN B 517 -11.39 -10.63 -5.72
CA GLN B 517 -12.49 -9.76 -5.29
C GLN B 517 -13.59 -10.55 -4.58
N LEU B 518 -13.99 -11.74 -5.07
CA LEU B 518 -14.98 -12.57 -4.39
C LEU B 518 -14.52 -12.96 -2.98
N VAL B 519 -13.25 -13.32 -2.75
CA VAL B 519 -12.77 -13.58 -1.37
C VAL B 519 -12.82 -12.32 -0.54
N ALA B 520 -12.29 -11.21 -1.03
CA ALA B 520 -12.24 -9.96 -0.28
C ALA B 520 -13.64 -9.48 0.12
N ALA B 521 -14.57 -9.46 -0.85
CA ALA B 521 -15.98 -9.16 -0.64
C ALA B 521 -16.65 -10.14 0.34
N SER B 522 -16.14 -11.36 0.46
CA SER B 522 -16.57 -12.35 1.46
C SER B 522 -15.90 -12.21 2.83
N ARG B 523 -14.82 -11.42 2.97
CA ARG B 523 -14.16 -11.29 4.27
C ARG B 523 -14.95 -10.44 5.25
N VAL B 524 -15.45 -9.29 4.77
CA VAL B 524 -15.72 -8.11 5.62
C VAL B 524 -16.58 -8.41 6.85
N LYS B 525 -17.52 -9.36 6.76
CA LYS B 525 -18.56 -9.61 7.76
C LYS B 525 -18.24 -10.78 8.70
N THR B 526 -16.93 -11.09 8.92
CA THR B 526 -16.49 -12.29 9.63
C THR B 526 -15.46 -12.00 10.74
N SER B 527 -15.06 -13.08 11.42
CA SER B 527 -13.76 -13.22 12.07
C SER B 527 -13.07 -14.47 11.49
N ILE B 528 -11.73 -14.50 11.49
CA ILE B 528 -10.94 -15.31 10.55
C ILE B 528 -11.06 -16.83 10.75
N HIS B 529 -11.54 -17.29 11.92
CA HIS B 529 -11.37 -18.68 12.37
C HIS B 529 -12.26 -19.70 11.63
N SER B 530 -13.05 -19.24 10.64
CA SER B 530 -13.93 -20.07 9.83
C SER B 530 -13.17 -21.06 8.94
N LYS B 531 -13.57 -22.35 8.99
CA LYS B 531 -13.03 -23.37 8.10
C LYS B 531 -13.46 -23.11 6.65
N ALA B 532 -14.67 -22.56 6.43
CA ALA B 532 -15.11 -22.17 5.09
C ALA B 532 -14.24 -21.04 4.53
N GLN B 533 -13.87 -20.04 5.34
CA GLN B 533 -12.92 -19.01 4.94
C GLN B 533 -11.57 -19.62 4.56
N ASP B 534 -11.04 -20.47 5.42
CA ASP B 534 -9.75 -21.10 5.19
C ASP B 534 -9.77 -21.95 3.92
N LYS B 535 -10.84 -22.72 3.74
CA LYS B 535 -11.02 -23.56 2.56
C LYS B 535 -11.14 -22.70 1.29
N LEU B 536 -11.90 -21.61 1.33
CA LEU B 536 -12.00 -20.67 0.22
C LEU B 536 -10.65 -20.08 -0.12
N GLU B 537 -9.92 -19.61 0.88
CA GLU B 537 -8.61 -19.03 0.67
C GLU B 537 -7.66 -20.05 0.05
N HIS B 538 -7.59 -21.26 0.61
CA HIS B 538 -6.75 -22.30 0.08
C HIS B 538 -7.16 -22.67 -1.35
N CYS B 539 -8.46 -22.80 -1.62
CA CYS B 539 -8.91 -23.04 -2.98
C CYS B 539 -8.55 -21.89 -3.92
N SER B 540 -8.58 -20.64 -3.44
CA SER B 540 -8.14 -19.51 -4.26
C SER B 540 -6.66 -19.63 -4.57
N LYS B 541 -5.85 -20.23 -3.70
CA LYS B 541 -4.45 -20.54 -3.99
C LYS B 541 -4.36 -21.62 -5.06
N ASP B 542 -5.23 -22.63 -5.03
CA ASP B 542 -5.29 -23.62 -6.11
C ASP B 542 -5.55 -22.92 -7.45
N VAL B 543 -6.54 -22.01 -7.51
CA VAL B 543 -6.87 -21.22 -8.72
C VAL B 543 -5.71 -20.32 -9.12
N THR B 544 -5.11 -19.62 -8.16
CA THR B 544 -3.98 -18.72 -8.36
C THR B 544 -2.81 -19.46 -8.97
N ASP B 545 -2.39 -20.55 -8.33
CA ASP B 545 -1.29 -21.38 -8.78
C ASP B 545 -1.59 -21.97 -10.18
N ALA B 546 -2.84 -22.38 -10.43
CA ALA B 546 -3.23 -22.92 -11.72
C ALA B 546 -3.14 -21.84 -12.81
N CYS B 547 -3.69 -20.64 -12.54
CA CYS B 547 -3.53 -19.51 -13.46
C CYS B 547 -2.07 -19.16 -13.67
N ARG B 548 -1.24 -19.23 -12.62
CA ARG B 548 0.19 -18.97 -12.72
C ARG B 548 0.86 -20.04 -13.60
N SER B 549 0.44 -21.30 -13.47
CA SER B 549 0.94 -22.42 -14.27
C SER B 549 0.54 -22.29 -15.74
N LEU B 550 -0.73 -22.00 -16.01
CA LEU B 550 -1.24 -21.72 -17.36
C LEU B 550 -0.54 -20.48 -17.95
N GLY B 551 -0.38 -19.44 -17.13
CA GLY B 551 0.38 -18.26 -17.51
C GLY B 551 1.78 -18.66 -17.94
N ASN B 552 2.52 -19.32 -17.04
CA ASN B 552 3.89 -19.75 -17.29
C ASN B 552 3.98 -20.60 -18.55
N HIS B 553 3.04 -21.53 -18.75
CA HIS B 553 3.02 -22.36 -19.95
C HIS B 553 2.92 -21.51 -21.22
N VAL B 554 1.90 -20.63 -21.30
CA VAL B 554 1.66 -19.88 -22.51
C VAL B 554 2.73 -18.81 -22.71
N MET B 555 3.19 -18.15 -21.64
CA MET B 555 4.36 -17.28 -21.70
C MET B 555 5.56 -18.05 -22.26
N GLY B 556 5.76 -19.30 -21.81
CA GLY B 556 6.77 -20.20 -22.37
C GLY B 556 6.64 -20.40 -23.89
N MET B 557 5.43 -20.67 -24.38
CA MET B 557 5.17 -20.84 -25.80
C MET B 557 5.49 -19.57 -26.61
N ILE B 558 5.17 -18.39 -26.08
CA ILE B 558 5.46 -17.11 -26.72
C ILE B 558 6.97 -16.86 -26.76
N GLU B 559 7.65 -16.97 -25.60
CA GLU B 559 9.07 -16.62 -25.50
C GLU B 559 9.98 -17.65 -26.15
N ASP B 560 9.50 -18.87 -26.44
CA ASP B 560 10.22 -19.84 -27.28
C ASP B 560 10.58 -19.21 -28.63
N ASP B 561 9.66 -18.42 -29.20
CA ASP B 561 9.90 -17.59 -30.38
C ASP B 561 10.57 -16.25 -30.00
N HIS B 562 9.93 -15.51 -29.07
CA HIS B 562 10.27 -14.11 -28.82
C HIS B 562 11.54 -13.89 -27.98
N SER B 563 12.26 -14.96 -27.60
CA SER B 563 13.68 -14.86 -27.25
C SER B 563 14.53 -14.25 -28.39
N THR B 564 13.99 -14.27 -29.63
CA THR B 564 14.57 -13.60 -30.80
C THR B 564 14.42 -12.08 -30.69
N SER B 565 13.29 -11.61 -30.14
CA SER B 565 12.90 -10.19 -30.07
C SER B 565 13.43 -9.49 -28.82
N GLN B 566 13.32 -10.16 -27.66
CA GLN B 566 13.61 -9.59 -26.35
C GLN B 566 15.11 -9.71 -26.02
N GLN B 567 15.93 -8.90 -26.71
CA GLN B 567 17.39 -8.88 -26.52
C GLN B 567 17.89 -7.45 -26.23
N GLN B 568 19.03 -7.35 -25.53
CA GLN B 568 19.61 -6.08 -25.11
C GLN B 568 21.12 -6.02 -25.38
N GLN B 569 21.69 -4.81 -25.27
CA GLN B 569 23.07 -4.49 -25.63
C GLN B 569 23.75 -3.70 -24.51
N PRO B 570 25.11 -3.73 -24.39
CA PRO B 570 25.81 -3.08 -23.28
C PRO B 570 25.66 -1.56 -23.19
N LEU B 571 25.91 -1.03 -21.98
CA LEU B 571 25.45 0.29 -21.56
C LEU B 571 26.57 1.17 -20.95
N ASP B 572 27.84 0.74 -21.07
CA ASP B 572 28.96 1.47 -20.45
C ASP B 572 29.46 2.62 -21.35
N PHE B 573 30.12 3.60 -20.71
CA PHE B 573 30.61 4.83 -21.33
C PHE B 573 31.92 5.28 -20.66
N THR B 574 32.73 6.09 -21.38
CA THR B 574 33.99 6.62 -20.87
C THR B 574 34.04 8.15 -20.99
N SER B 575 32.88 8.80 -20.81
CA SER B 575 32.75 10.25 -20.89
C SER B 575 31.53 10.67 -20.05
N GLU B 576 31.75 11.43 -18.97
CA GLU B 576 30.75 11.62 -17.92
C GLU B 576 29.51 12.36 -18.47
N HIS B 577 29.73 13.34 -19.36
CA HIS B 577 28.66 14.07 -20.02
C HIS B 577 27.65 13.13 -20.67
N THR B 578 28.17 12.06 -21.31
CA THR B 578 27.35 11.13 -22.07
C THR B 578 26.56 10.20 -21.14
N LEU B 579 27.11 9.85 -19.96
CA LEU B 579 26.35 9.15 -18.93
C LEU B 579 25.24 10.06 -18.41
N LYS B 580 25.60 11.27 -17.96
CA LYS B 580 24.65 12.18 -17.33
C LYS B 580 23.52 12.55 -18.30
N THR B 581 23.83 12.57 -19.61
CA THR B 581 22.85 12.68 -20.70
C THR B 581 22.01 11.40 -20.83
N ALA B 582 22.63 10.21 -20.91
CA ALA B 582 21.91 8.96 -21.17
C ALA B 582 20.83 8.66 -20.13
N GLU B 583 21.07 8.99 -18.85
CA GLU B 583 20.01 8.86 -17.86
C GLU B 583 18.86 9.88 -18.07
N MET B 584 19.15 11.06 -18.63
CA MET B 584 18.14 12.06 -18.95
C MET B 584 17.43 11.80 -20.29
N GLU B 585 18.02 10.99 -21.19
CA GLU B 585 17.28 10.39 -22.27
C GLU B 585 16.27 9.38 -21.71
N GLN B 586 16.70 8.55 -20.75
CA GLN B 586 15.90 7.45 -20.23
C GLN B 586 14.67 7.99 -19.48
N GLN B 587 14.80 9.01 -18.62
CA GLN B 587 13.70 9.40 -17.74
C GLN B 587 12.43 9.94 -18.46
N VAL B 588 12.57 10.37 -19.73
CA VAL B 588 11.43 10.84 -20.53
C VAL B 588 10.60 9.68 -21.13
N GLU B 589 11.23 8.53 -21.44
CA GLU B 589 10.52 7.36 -21.96
C GLU B 589 9.59 6.74 -20.91
N ILE B 590 10.05 6.69 -19.64
CA ILE B 590 9.19 6.31 -18.54
C ILE B 590 8.15 7.37 -18.11
N LEU B 591 7.97 8.41 -18.95
CA LEU B 591 6.89 9.39 -18.82
C LEU B 591 5.84 9.10 -19.89
N LYS B 592 6.26 9.05 -21.17
CA LYS B 592 5.40 8.73 -22.31
C LYS B 592 4.67 7.39 -22.14
N LEU B 593 5.35 6.40 -21.53
CA LEU B 593 4.81 5.05 -21.28
C LEU B 593 4.39 4.89 -19.82
N GLU B 594 3.81 5.97 -19.29
CA GLU B 594 2.99 5.90 -18.11
C GLU B 594 1.74 6.78 -18.36
N GLN B 595 1.90 7.91 -19.04
CA GLN B 595 0.77 8.65 -19.59
C GLN B 595 -0.07 7.79 -20.54
N SER B 596 0.54 7.03 -21.45
CA SER B 596 -0.22 6.18 -22.37
C SER B 596 -1.12 5.21 -21.61
N LEU B 597 -0.58 4.52 -20.59
CA LEU B 597 -1.34 3.61 -19.75
C LEU B 597 -2.41 4.34 -18.94
N SER B 598 -2.15 5.49 -18.32
CA SER B 598 -3.19 6.17 -17.55
C SER B 598 -4.27 6.84 -18.43
N ASN B 599 -4.01 6.95 -19.75
CA ASN B 599 -4.91 7.49 -20.76
C ASN B 599 -5.87 6.39 -21.25
N ALA B 600 -5.35 5.25 -21.67
CA ALA B 600 -6.16 4.15 -22.21
C ALA B 600 -6.95 3.39 -21.12
N ARG B 601 -6.51 3.34 -19.88
CA ARG B 601 -7.21 2.63 -18.82
C ARG B 601 -8.59 3.18 -18.49
N LYS B 602 -8.93 4.42 -18.86
CA LYS B 602 -10.31 4.99 -18.70
C LYS B 602 -11.19 4.80 -19.94
N ARG B 603 -10.61 4.66 -21.13
CA ARG B 603 -11.36 4.35 -22.37
C ARG B 603 -12.04 2.99 -22.29
N LEU B 604 -11.55 2.08 -21.43
CA LEU B 604 -12.29 0.93 -20.88
C LEU B 604 -13.42 1.35 -19.92
N GLY B 605 -13.13 2.16 -18.89
CA GLY B 605 -14.12 2.58 -17.89
C GLY B 605 -15.34 3.32 -18.43
N GLU B 606 -15.25 3.91 -19.63
CA GLU B 606 -16.40 4.46 -20.35
C GLU B 606 -17.21 3.41 -21.13
N ILE B 607 -16.58 2.30 -21.56
CA ILE B 607 -17.26 1.12 -22.11
C ILE B 607 -18.05 0.37 -21.04
N ARG B 608 -17.74 0.51 -19.74
CA ARG B 608 -18.60 0.05 -18.61
C ARG B 608 -19.99 0.70 -18.56
N ARG B 609 -20.25 1.75 -19.35
CA ARG B 609 -21.52 2.49 -19.33
C ARG B 609 -22.15 2.64 -20.70
N HIS B 610 -21.50 3.34 -21.64
CA HIS B 610 -22.16 3.83 -22.85
C HIS B 610 -22.78 2.74 -23.73
N ALA B 611 -22.06 1.65 -23.97
CA ALA B 611 -22.64 0.45 -24.56
C ALA B 611 -23.30 -0.46 -23.50
N TYR B 612 -22.71 -0.56 -22.30
CA TYR B 612 -23.12 -1.54 -21.29
C TYR B 612 -24.53 -1.33 -20.74
N TYR B 613 -25.10 -0.11 -20.76
CA TYR B 613 -26.50 0.11 -20.41
C TYR B 613 -27.44 -0.76 -21.26
N ASN B 614 -27.07 -1.04 -22.51
CA ASN B 614 -27.82 -1.96 -23.35
C ASN B 614 -27.71 -3.40 -22.81
N GLN B 615 -26.47 -3.87 -22.57
CA GLN B 615 -26.23 -5.23 -22.06
C GLN B 615 -26.80 -5.47 -20.65
N ASP B 616 -26.83 -4.44 -19.82
CA ASP B 616 -27.49 -4.42 -18.52
C ASP B 616 -29.01 -4.62 -18.60
N ASP B 617 -29.65 -4.28 -19.73
CA ASP B 617 -31.08 -4.53 -20.01
C ASP B 617 -31.34 -5.83 -20.81
N ASP B 618 -30.42 -6.22 -21.68
CA ASP B 618 -30.54 -7.38 -22.60
C ASP B 618 -30.65 -8.75 -21.91
#